data_6TEC
#
_entry.id   6TEC
#
_cell.length_a   97.264
_cell.length_b   99.987
_cell.length_c   223.960
_cell.angle_alpha   90.000
_cell.angle_beta   90.000
_cell.angle_gamma   90.000
#
_symmetry.space_group_name_H-M   'C 2 2 21'
#
loop_
_entity.id
_entity.type
_entity.pdbx_description
1 polymer 'Procollagen-lysine,2-oxoglutarate 5-dioxygenase 3'
2 branched 2-acetamido-2-deoxy-beta-D-glucopyranose-(1-4)-2-acetamido-2-deoxy-beta-D-glucopyranose
3 non-polymer "URIDINE-5'-DIPHOSPHATE-XYLOPYRANOSE"
4 non-polymer '2-OXOGLUTARIC ACID'
5 non-polymer 'FE (II) ION'
6 non-polymer 'MANGANESE (II) ION'
7 non-polymer 2-acetamido-2-deoxy-beta-D-glucopyranose
8 non-polymer 1,2-ETHANEDIOL
9 water water
#
_entity_poly.entity_id   1
_entity_poly.type   'polypeptide(L)'
_entity_poly.pdbx_seq_one_letter_code
;SSDRPRGRDPVNPEKLLVITVATAETEGYLRFLRSAEFFNYTVRTLGLGEEWRGGDVARTVGGGQKVRWLKKEMEKYADR
EDMIIMFVDSYDVILAGSPTELLKKFVQSGSRLLFSAESFCWPEWGLAEQYPEVGTGKRFLNSGGFIGFATTIHQIVRQW
KYKDDDDDQLFYTRLYLDPGLREKLSLNLDHKSRIFQNLNGALDEVVLKFDRNRVRIRNVAYDTLPIVVHGNGPTKLQLN
YLGNYVPNGWTPEGGCGFCNQDRRTLPGGQPPPRVFLAVFVEQPTPFLPRFLQRLLLLDYPPDRVTLFLHNNEVFHEPHI
ADSWPQLQDHFSAVKLVGPEEALSPGEARDMAMDLCRQDPECEFYFSLDADAVLTNLQTLRILIEENRKVIAPMLSRHGK
LWSNFWGALSPDEYYARSEDYVELVQRKRVGVWNVPYISQAYVIRGDTLRMELPQRDVFSGSDTDPDMAFCKSFRDKGIF
LHLSNQHEFGRLLATSRYDTEHLHPDLWQIFDNPVDWKEQYIHENYSRALEGEGIVEQPCPDVYWFPLLSEQMCDELVAE
MEHYGQWSGGRHEDSRLAGGYENVPTVDIHMKQVGYEDQWLQLLRTYVGPMTESLFPGYHTKARAVMNFVVRYRPDEQPS
LRPHHDSSTFTLNVALNHKGLDYEGGGCRFLRYDCVISSPRKGWALLHPGRLTHYHEGLPTTWGTRYIMVSFVDPAAA
;
_entity_poly.pdbx_strand_id   A
#
loop_
_chem_comp.id
_chem_comp.type
_chem_comp.name
_chem_comp.formula
AKG non-polymer '2-OXOGLUTARIC ACID' 'C5 H6 O5'
EDO non-polymer 1,2-ETHANEDIOL 'C2 H6 O2'
FE2 non-polymer 'FE (II) ION' 'Fe 2'
MN non-polymer 'MANGANESE (II) ION' 'Mn 2'
NAG D-saccharide, beta linking 2-acetamido-2-deoxy-beta-D-glucopyranose 'C8 H15 N O6'
UDX non-polymer URIDINE-5'-DIPHOSPHATE-XYLOPYRANOSE 'C14 H22 N2 O16 P2'
#
# COMPACT_ATOMS: atom_id res chain seq x y z
N PRO A 10 15.84 -42.03 -23.04
CA PRO A 10 15.06 -41.06 -22.26
C PRO A 10 14.54 -41.67 -20.95
N VAL A 11 15.03 -41.14 -19.83
CA VAL A 11 14.64 -41.66 -18.52
C VAL A 11 13.17 -41.37 -18.27
N ASN A 12 12.44 -42.39 -17.83
CA ASN A 12 11.00 -42.28 -17.61
C ASN A 12 10.71 -41.38 -16.41
N PRO A 13 9.93 -40.30 -16.58
CA PRO A 13 9.61 -39.45 -15.42
C PRO A 13 8.86 -40.17 -14.32
N GLU A 14 8.25 -41.32 -14.61
CA GLU A 14 7.63 -42.13 -13.56
C GLU A 14 8.65 -42.74 -12.61
N LYS A 15 9.93 -42.76 -12.99
CA LYS A 15 11.00 -43.26 -12.15
C LYS A 15 11.65 -42.18 -11.29
N LEU A 16 11.22 -40.93 -11.44
CA LEU A 16 11.77 -39.82 -10.68
C LEU A 16 10.91 -39.55 -9.44
N LEU A 17 11.55 -39.45 -8.29
CA LEU A 17 10.87 -39.16 -7.03
C LEU A 17 11.55 -37.99 -6.35
N VAL A 18 10.76 -36.99 -5.94
CA VAL A 18 11.26 -35.84 -5.21
C VAL A 18 11.01 -36.09 -3.73
N ILE A 19 12.06 -36.02 -2.93
CA ILE A 19 11.96 -36.19 -1.48
C ILE A 19 12.38 -34.88 -0.83
N THR A 20 11.57 -34.40 0.11
CA THR A 20 11.87 -33.19 0.85
C THR A 20 11.48 -33.38 2.30
N VAL A 21 11.86 -32.42 3.13
CA VAL A 21 11.60 -32.45 4.56
C VAL A 21 10.76 -31.25 4.94
N ALA A 22 9.74 -31.47 5.76
CA ALA A 22 8.88 -30.39 6.22
C ALA A 22 8.19 -30.85 7.50
N THR A 23 8.45 -30.16 8.61
CA THR A 23 7.79 -30.49 9.87
C THR A 23 6.40 -29.89 9.97
N ALA A 24 6.11 -28.85 9.19
CA ALA A 24 4.79 -28.24 9.17
C ALA A 24 4.52 -27.73 7.76
N GLU A 25 3.24 -27.57 7.44
CA GLU A 25 2.82 -27.08 6.13
C GLU A 25 2.84 -25.55 6.14
N THR A 26 4.05 -25.01 6.23
CA THR A 26 4.25 -23.57 6.19
C THR A 26 3.91 -23.03 4.80
N GLU A 27 3.78 -21.71 4.72
CA GLU A 27 3.53 -21.07 3.44
C GLU A 27 4.67 -21.35 2.46
N GLY A 28 5.90 -21.43 2.96
CA GLY A 28 7.01 -21.79 2.09
C GLY A 28 6.89 -23.22 1.56
N TYR A 29 6.47 -24.15 2.43
CA TYR A 29 6.28 -25.52 1.98
C TYR A 29 5.15 -25.62 0.97
N LEU A 30 4.05 -24.90 1.21
CA LEU A 30 2.92 -24.94 0.27
C LEU A 30 3.27 -24.27 -1.04
N ARG A 31 4.10 -23.22 -1.01
CA ARG A 31 4.58 -22.63 -2.25
C ARG A 31 5.42 -23.62 -3.04
N PHE A 32 6.20 -24.44 -2.35
CA PHE A 32 7.00 -25.47 -3.02
C PHE A 32 6.10 -26.53 -3.64
N LEU A 33 5.12 -27.03 -2.87
CA LEU A 33 4.24 -28.06 -3.39
C LEU A 33 3.47 -27.58 -4.61
N ARG A 34 3.04 -26.31 -4.60
CA ARG A 34 2.35 -25.75 -5.76
C ARG A 34 3.24 -25.77 -7.00
N SER A 35 4.52 -25.38 -6.84
CA SER A 35 5.43 -25.41 -7.97
C SER A 35 5.69 -26.83 -8.44
N ALA A 36 5.71 -27.80 -7.51
CA ALA A 36 5.89 -29.19 -7.89
C ALA A 36 4.67 -29.72 -8.64
N GLU A 37 3.47 -29.42 -8.13
CA GLU A 37 2.26 -29.90 -8.78
C GLU A 37 2.05 -29.26 -10.15
N PHE A 38 2.63 -28.07 -10.37
CA PHE A 38 2.49 -27.41 -11.66
C PHE A 38 3.16 -28.22 -12.77
N PHE A 39 4.29 -28.86 -12.47
CA PHE A 39 5.00 -29.69 -13.43
C PHE A 39 4.70 -31.17 -13.25
N ASN A 40 3.68 -31.52 -12.46
CA ASN A 40 3.28 -32.90 -12.24
C ASN A 40 4.42 -33.74 -11.68
N TYR A 41 5.14 -33.18 -10.70
CA TYR A 41 6.15 -33.94 -9.97
C TYR A 41 5.50 -34.90 -8.98
N THR A 42 6.30 -35.82 -8.47
CA THR A 42 5.88 -36.73 -7.39
C THR A 42 6.76 -36.45 -6.18
N VAL A 43 6.15 -35.99 -5.11
CA VAL A 43 6.87 -35.47 -3.94
C VAL A 43 6.43 -36.25 -2.71
N ARG A 44 7.39 -36.85 -2.00
CA ARG A 44 7.14 -37.45 -0.70
CA ARG A 44 7.15 -37.46 -0.70
C ARG A 44 7.76 -36.56 0.37
N THR A 45 6.94 -36.15 1.33
CA THR A 45 7.34 -35.22 2.38
C THR A 45 7.69 -36.01 3.63
N LEU A 46 8.92 -35.83 4.12
CA LEU A 46 9.39 -36.50 5.33
C LEU A 46 9.32 -35.53 6.51
N GLY A 47 8.75 -36.01 7.63
CA GLY A 47 8.83 -35.29 8.88
C GLY A 47 7.63 -34.44 9.25
N LEU A 48 6.51 -34.55 8.53
CA LEU A 48 5.33 -33.76 8.87
C LEU A 48 4.76 -34.19 10.21
N GLY A 49 4.53 -33.22 11.09
CA GLY A 49 4.02 -33.49 12.42
C GLY A 49 5.06 -33.67 13.49
N GLU A 50 6.32 -33.87 13.13
CA GLU A 50 7.38 -34.06 14.09
C GLU A 50 7.95 -32.72 14.53
N GLU A 51 8.66 -32.74 15.66
CA GLU A 51 9.35 -31.55 16.13
C GLU A 51 10.69 -31.42 15.43
N TRP A 52 11.04 -30.19 15.06
CA TRP A 52 12.31 -29.93 14.38
C TRP A 52 13.43 -29.91 15.41
N ARG A 53 14.27 -30.95 15.41
CA ARG A 53 15.39 -31.07 16.31
C ARG A 53 16.72 -30.74 15.65
N GLY A 54 16.69 -30.15 14.46
CA GLY A 54 17.89 -29.75 13.76
C GLY A 54 18.48 -28.43 14.19
N GLY A 55 18.03 -27.88 15.31
CA GLY A 55 18.52 -26.61 15.78
C GLY A 55 18.00 -25.44 14.95
N ASP A 56 18.53 -24.26 15.25
CA ASP A 56 18.16 -23.06 14.51
C ASP A 56 18.79 -23.10 13.12
N VAL A 57 17.94 -23.14 12.09
CA VAL A 57 18.46 -23.33 10.74
C VAL A 57 18.94 -22.02 10.13
N ALA A 58 18.26 -20.91 10.43
CA ALA A 58 18.61 -19.61 9.88
C ALA A 58 19.71 -18.91 10.65
N ARG A 59 20.20 -19.52 11.74
CA ARG A 59 21.16 -18.87 12.62
C ARG A 59 22.50 -19.59 12.73
N THR A 60 22.57 -20.88 12.44
CA THR A 60 23.82 -21.60 12.63
C THR A 60 23.83 -22.86 11.75
N VAL A 61 24.73 -23.78 12.06
CA VAL A 61 24.81 -25.06 11.36
C VAL A 61 23.79 -26.02 11.95
N GLY A 62 23.53 -27.10 11.23
CA GLY A 62 22.61 -28.12 11.68
C GLY A 62 21.89 -28.74 10.51
N GLY A 63 20.72 -29.30 10.79
CA GLY A 63 19.91 -29.95 9.78
C GLY A 63 20.17 -31.42 9.59
N GLY A 64 20.90 -32.06 10.50
CA GLY A 64 21.14 -33.48 10.40
C GLY A 64 19.90 -34.33 10.49
N GLN A 65 18.83 -33.81 11.11
CA GLN A 65 17.56 -34.53 11.16
C GLN A 65 17.05 -34.83 9.77
N LYS A 66 17.37 -33.98 8.79
CA LYS A 66 17.01 -34.27 7.40
C LYS A 66 17.68 -35.54 6.92
N VAL A 67 18.98 -35.68 7.19
CA VAL A 67 19.72 -36.84 6.70
C VAL A 67 19.27 -38.10 7.42
N ARG A 68 18.96 -38.01 8.72
CA ARG A 68 18.45 -39.16 9.45
C ARG A 68 17.13 -39.64 8.85
N TRP A 69 16.23 -38.72 8.52
CA TRP A 69 14.95 -39.10 7.92
C TRP A 69 15.13 -39.64 6.52
N LEU A 70 16.02 -39.01 5.74
CA LEU A 70 16.28 -39.50 4.39
C LEU A 70 16.92 -40.88 4.41
N LYS A 71 17.84 -41.11 5.35
CA LYS A 71 18.51 -42.40 5.44
C LYS A 71 17.51 -43.52 5.74
N LYS A 72 16.58 -43.29 6.67
CA LYS A 72 15.56 -44.29 6.95
C LYS A 72 14.65 -44.51 5.74
N GLU A 73 14.28 -43.43 5.06
CA GLU A 73 13.44 -43.56 3.87
C GLU A 73 14.15 -44.29 2.75
N MET A 74 15.46 -44.15 2.64
CA MET A 74 16.20 -44.71 1.52
C MET A 74 16.39 -46.22 1.60
N GLU A 75 16.15 -46.82 2.77
CA GLU A 75 16.36 -48.25 2.91
C GLU A 75 15.38 -49.05 2.05
N LYS A 76 14.21 -48.49 1.77
CA LYS A 76 13.28 -49.14 0.86
C LYS A 76 13.82 -49.22 -0.56
N TYR A 77 14.64 -48.25 -0.96
CA TYR A 77 15.10 -48.12 -2.33
C TYR A 77 16.59 -48.42 -2.48
N ALA A 78 17.15 -49.24 -1.58
CA ALA A 78 18.59 -49.43 -1.57
C ALA A 78 19.10 -50.12 -2.82
N ASP A 79 18.26 -50.90 -3.50
CA ASP A 79 18.65 -51.65 -4.68
C ASP A 79 17.95 -51.16 -5.95
N ARG A 80 17.26 -50.02 -5.89
CA ARG A 80 16.43 -49.55 -7.00
C ARG A 80 17.27 -48.72 -7.95
N GLU A 81 18.03 -49.42 -8.80
CA GLU A 81 18.82 -48.76 -9.83
C GLU A 81 17.94 -48.06 -10.86
N ASP A 82 16.69 -48.48 -11.01
CA ASP A 82 15.78 -47.87 -11.98
C ASP A 82 15.25 -46.52 -11.53
N MET A 83 15.49 -46.12 -10.28
CA MET A 83 14.87 -44.94 -9.70
C MET A 83 15.87 -43.80 -9.57
N ILE A 84 15.45 -42.61 -10.00
CA ILE A 84 16.20 -41.38 -9.77
C ILE A 84 15.50 -40.61 -8.67
N ILE A 85 16.27 -40.11 -7.70
CA ILE A 85 15.72 -39.42 -6.55
C ILE A 85 16.40 -38.05 -6.43
N MET A 86 15.58 -37.00 -6.31
CA MET A 86 16.07 -35.65 -6.05
C MET A 86 15.63 -35.24 -4.65
N PHE A 87 16.60 -34.86 -3.82
CA PHE A 87 16.32 -34.30 -2.51
C PHE A 87 16.51 -32.79 -2.57
N VAL A 88 15.54 -32.05 -2.03
CA VAL A 88 15.59 -30.60 -1.96
C VAL A 88 14.99 -30.16 -0.64
N ASP A 89 15.42 -28.98 -0.18
CA ASP A 89 14.68 -28.30 0.88
C ASP A 89 13.30 -27.91 0.37
N SER A 90 12.41 -27.55 1.29
CA SER A 90 11.06 -27.18 0.91
C SER A 90 10.66 -25.78 1.33
N TYR A 91 11.17 -25.26 2.45
CA TYR A 91 10.73 -23.96 2.93
C TYR A 91 11.22 -22.84 2.03
N ASP A 92 12.36 -23.02 1.37
CA ASP A 92 12.97 -21.96 0.57
C ASP A 92 13.39 -22.48 -0.80
N VAL A 93 12.55 -23.31 -1.42
CA VAL A 93 12.83 -23.88 -2.72
C VAL A 93 11.56 -23.83 -3.57
N ILE A 94 11.70 -23.40 -4.82
CA ILE A 94 10.63 -23.48 -5.81
C ILE A 94 11.19 -24.18 -7.04
N LEU A 95 10.30 -24.86 -7.76
CA LEU A 95 10.68 -25.60 -8.96
C LEU A 95 10.33 -24.78 -10.20
N ALA A 96 11.25 -24.72 -11.14
CA ALA A 96 11.10 -23.90 -12.33
C ALA A 96 11.13 -24.68 -13.63
N GLY A 97 11.29 -26.00 -13.58
CA GLY A 97 11.38 -26.79 -14.79
C GLY A 97 10.68 -28.13 -14.64
N SER A 98 10.41 -28.75 -15.78
CA SER A 98 9.69 -30.01 -15.83
C SER A 98 10.58 -31.17 -15.41
N PRO A 99 9.98 -32.30 -14.99
CA PRO A 99 10.78 -33.50 -14.72
C PRO A 99 11.47 -34.04 -15.96
N THR A 100 10.87 -33.84 -17.13
CA THR A 100 11.50 -34.27 -18.38
C THR A 100 12.80 -33.51 -18.61
N GLU A 101 12.73 -32.18 -18.53
CA GLU A 101 13.94 -31.37 -18.68
C GLU A 101 14.93 -31.65 -17.55
N LEU A 102 14.41 -31.92 -16.35
CA LEU A 102 15.28 -32.24 -15.22
C LEU A 102 16.06 -33.52 -15.48
N LEU A 103 15.39 -34.56 -15.95
CA LEU A 103 16.06 -35.85 -16.16
C LEU A 103 16.97 -35.82 -17.37
N LYS A 104 16.62 -35.06 -18.40
CA LYS A 104 17.51 -34.93 -19.55
C LYS A 104 18.81 -34.24 -19.16
N LYS A 105 18.74 -33.23 -18.29
CA LYS A 105 19.94 -32.55 -17.83
C LYS A 105 20.76 -33.41 -16.89
N PHE A 106 20.10 -34.25 -16.09
CA PHE A 106 20.84 -35.15 -15.19
C PHE A 106 21.63 -36.18 -15.98
N VAL A 107 21.02 -36.77 -17.01
CA VAL A 107 21.73 -37.73 -17.86
C VAL A 107 22.89 -37.05 -18.57
N GLN A 108 22.68 -35.80 -19.02
CA GLN A 108 23.74 -35.07 -19.70
C GLN A 108 24.94 -34.84 -18.79
N SER A 109 24.71 -34.77 -17.47
CA SER A 109 25.81 -34.56 -16.54
C SER A 109 26.75 -35.76 -16.46
N GLY A 110 26.28 -36.95 -16.83
CA GLY A 110 27.09 -38.15 -16.70
C GLY A 110 27.37 -38.57 -15.28
N SER A 111 26.75 -37.93 -14.29
CA SER A 111 26.97 -38.24 -12.89
C SER A 111 25.95 -39.26 -12.40
N ARG A 112 26.29 -39.91 -11.28
CA ARG A 112 25.36 -40.78 -10.59
C ARG A 112 24.80 -40.18 -9.32
N LEU A 113 25.41 -39.13 -8.79
CA LEU A 113 24.83 -38.34 -7.70
C LEU A 113 25.38 -36.93 -7.83
N LEU A 114 24.54 -36.00 -8.26
CA LEU A 114 24.94 -34.63 -8.59
C LEU A 114 24.44 -33.69 -7.49
N PHE A 115 25.37 -33.05 -6.80
CA PHE A 115 25.04 -32.06 -5.78
C PHE A 115 24.97 -30.67 -6.40
N SER A 116 24.20 -29.80 -5.74
CA SER A 116 24.21 -28.39 -6.10
C SER A 116 25.54 -27.76 -5.69
N ALA A 117 25.94 -26.73 -6.41
CA ALA A 117 27.18 -26.01 -6.12
C ALA A 117 26.87 -24.58 -5.70
N GLU A 118 27.74 -24.03 -4.86
CA GLU A 118 27.58 -22.67 -4.37
C GLU A 118 28.95 -22.01 -4.28
N SER A 119 28.93 -20.71 -3.97
CA SER A 119 30.14 -19.90 -3.99
C SER A 119 30.98 -20.00 -2.73
N PHE A 120 30.38 -20.39 -1.60
CA PHE A 120 31.06 -20.38 -0.31
C PHE A 120 31.32 -21.81 0.15
N CYS A 121 32.54 -22.03 0.67
CA CYS A 121 32.92 -23.32 1.23
C CYS A 121 32.45 -23.35 2.68
N TRP A 122 31.27 -23.92 2.91
CA TRP A 122 30.57 -23.86 4.17
C TRP A 122 30.29 -25.28 4.67
N PRO A 123 30.39 -25.52 5.99
CA PRO A 123 30.67 -24.61 7.10
C PRO A 123 32.14 -24.53 7.52
N GLU A 124 33.02 -25.30 6.89
CA GLU A 124 34.45 -25.25 7.17
C GLU A 124 35.15 -24.64 5.96
N TRP A 125 35.52 -23.36 6.09
CA TRP A 125 36.13 -22.64 4.98
C TRP A 125 37.51 -23.19 4.61
N GLY A 126 38.18 -23.88 5.54
CA GLY A 126 39.52 -24.36 5.27
C GLY A 126 39.56 -25.52 4.29
N LEU A 127 38.46 -26.27 4.17
CA LEU A 127 38.41 -27.44 3.30
C LEU A 127 38.45 -27.09 1.82
N ALA A 128 38.39 -25.81 1.45
CA ALA A 128 38.16 -25.43 0.06
C ALA A 128 39.34 -25.76 -0.85
N GLU A 129 40.52 -26.07 -0.32
CA GLU A 129 41.60 -26.48 -1.20
C GLU A 129 41.50 -27.95 -1.57
N GLN A 130 40.88 -28.76 -0.72
CA GLN A 130 40.63 -30.16 -1.08
C GLN A 130 39.66 -30.27 -2.25
N TYR A 131 38.90 -29.23 -2.53
CA TYR A 131 37.98 -29.26 -3.66
C TYR A 131 38.75 -29.24 -4.97
N PRO A 132 38.25 -29.93 -6.01
CA PRO A 132 38.86 -29.80 -7.33
C PRO A 132 38.73 -28.36 -7.84
N GLU A 133 39.67 -27.97 -8.69
CA GLU A 133 39.68 -26.63 -9.24
C GLU A 133 38.72 -26.55 -10.43
N VAL A 134 37.79 -25.60 -10.37
CA VAL A 134 36.85 -25.37 -11.45
C VAL A 134 37.17 -24.03 -12.09
N GLY A 135 36.59 -23.79 -13.26
CA GLY A 135 36.80 -22.55 -13.98
C GLY A 135 35.91 -21.43 -13.47
N THR A 136 35.00 -20.96 -14.30
CA THR A 136 34.09 -19.90 -13.92
C THR A 136 32.92 -20.39 -13.07
N GLY A 137 32.75 -21.71 -12.93
CA GLY A 137 31.61 -22.24 -12.21
C GLY A 137 31.80 -22.19 -10.71
N LYS A 138 30.70 -22.47 -10.01
CA LYS A 138 30.75 -22.60 -8.56
C LYS A 138 31.52 -23.85 -8.17
N ARG A 139 32.24 -23.76 -7.04
CA ARG A 139 33.26 -24.75 -6.73
C ARG A 139 32.91 -25.68 -5.57
N PHE A 140 32.00 -25.29 -4.68
CA PHE A 140 31.80 -26.02 -3.44
C PHE A 140 30.41 -26.64 -3.38
N LEU A 141 30.30 -27.68 -2.55
CA LEU A 141 29.06 -28.45 -2.44
C LEU A 141 28.05 -27.71 -1.59
N ASN A 142 26.78 -27.83 -1.97
CA ASN A 142 25.66 -27.33 -1.18
C ASN A 142 24.67 -28.47 -0.99
N SER A 143 24.35 -28.75 0.28
CA SER A 143 23.47 -29.86 0.62
C SER A 143 21.99 -29.56 0.41
N GLY A 144 21.64 -28.35 -0.01
CA GLY A 144 20.24 -28.01 -0.17
C GLY A 144 19.53 -28.76 -1.29
N GLY A 145 20.29 -29.33 -2.22
CA GLY A 145 19.68 -30.05 -3.32
C GLY A 145 20.65 -30.97 -4.05
N PHE A 146 20.22 -32.20 -4.31
CA PHE A 146 21.01 -33.14 -5.09
C PHE A 146 20.07 -34.15 -5.74
N ILE A 147 20.52 -34.71 -6.85
CA ILE A 147 19.75 -35.69 -7.61
C ILE A 147 20.68 -36.82 -8.04
N GLY A 148 20.20 -38.05 -7.94
CA GLY A 148 21.02 -39.19 -8.30
C GLY A 148 20.22 -40.47 -8.24
N PHE A 149 20.89 -41.56 -8.60
CA PHE A 149 20.28 -42.88 -8.53
C PHE A 149 20.01 -43.27 -7.09
N ALA A 150 18.91 -43.98 -6.87
CA ALA A 150 18.54 -44.40 -5.52
C ALA A 150 19.63 -45.25 -4.87
N THR A 151 20.30 -46.08 -5.68
CA THR A 151 21.36 -46.93 -5.14
C THR A 151 22.54 -46.08 -4.66
N THR A 152 23.00 -45.14 -5.50
CA THR A 152 24.13 -44.29 -5.12
C THR A 152 23.79 -43.43 -3.92
N ILE A 153 22.57 -42.89 -3.87
CA ILE A 153 22.17 -42.04 -2.75
C ILE A 153 22.14 -42.85 -1.46
N HIS A 154 21.62 -44.07 -1.51
CA HIS A 154 21.55 -44.90 -0.32
C HIS A 154 22.94 -45.19 0.24
N GLN A 155 23.92 -45.42 -0.64
CA GLN A 155 25.29 -45.67 -0.19
C GLN A 155 25.90 -44.47 0.52
N ILE A 156 25.40 -43.28 0.26
CA ILE A 156 25.89 -42.06 0.92
C ILE A 156 25.17 -41.83 2.24
N VAL A 157 23.83 -41.85 2.21
CA VAL A 157 23.05 -41.46 3.38
C VAL A 157 23.10 -42.52 4.47
N ARG A 158 23.34 -43.79 4.11
CA ARG A 158 23.39 -44.85 5.10
C ARG A 158 24.54 -44.67 6.08
N GLN A 159 25.57 -43.90 5.69
CA GLN A 159 26.70 -43.63 6.57
C GLN A 159 26.39 -42.59 7.64
N TRP A 160 25.17 -42.06 7.68
CA TRP A 160 24.82 -41.07 8.68
C TRP A 160 24.73 -41.72 10.06
N LYS A 161 25.46 -41.17 11.03
CA LYS A 161 25.52 -41.73 12.37
C LYS A 161 25.65 -40.65 13.43
N TYR A 162 25.10 -39.46 13.19
CA TYR A 162 25.41 -38.28 13.97
C TYR A 162 24.15 -37.69 14.58
N LYS A 163 24.31 -36.56 15.28
CA LYS A 163 23.22 -35.95 16.03
C LYS A 163 22.25 -35.22 15.10
N ASP A 164 21.04 -34.99 15.61
CA ASP A 164 20.01 -34.30 14.83
C ASP A 164 20.37 -32.86 14.50
N ASP A 165 21.24 -32.23 15.30
CA ASP A 165 21.62 -30.84 15.06
C ASP A 165 23.03 -30.69 14.51
N ASP A 166 23.68 -31.80 14.13
CA ASP A 166 24.91 -31.69 13.37
C ASP A 166 24.61 -31.17 11.96
N ASP A 167 25.62 -30.60 11.32
CA ASP A 167 25.43 -29.98 10.03
C ASP A 167 25.38 -31.04 8.93
N ASP A 168 24.29 -31.04 8.16
CA ASP A 168 24.16 -31.98 7.05
C ASP A 168 25.17 -31.68 5.95
N GLN A 169 25.43 -30.39 5.68
CA GLN A 169 26.32 -30.04 4.58
C GLN A 169 27.75 -30.50 4.85
N LEU A 170 28.22 -30.39 6.09
CA LEU A 170 29.55 -30.87 6.42
C LEU A 170 29.66 -32.39 6.24
N PHE A 171 28.57 -33.10 6.54
CA PHE A 171 28.56 -34.56 6.35
C PHE A 171 28.68 -34.92 4.88
N TYR A 172 27.92 -34.24 4.02
CA TYR A 172 28.02 -34.51 2.58
C TYR A 172 29.33 -34.00 2.01
N THR A 173 29.83 -32.87 2.51
CA THR A 173 31.06 -32.28 1.98
C THR A 173 32.25 -33.22 2.16
N ARG A 174 32.42 -33.74 3.38
CA ARG A 174 33.58 -34.59 3.65
C ARG A 174 33.52 -35.90 2.88
N LEU A 175 32.31 -36.42 2.64
CA LEU A 175 32.18 -37.59 1.77
C LEU A 175 32.57 -37.24 0.34
N TYR A 176 32.17 -36.05 -0.13
CA TYR A 176 32.53 -35.64 -1.49
C TYR A 176 34.02 -35.35 -1.62
N LEU A 177 34.68 -34.95 -0.53
CA LEU A 177 36.11 -34.65 -0.57
C LEU A 177 36.96 -35.90 -0.42
N ASP A 178 36.36 -37.07 -0.25
CA ASP A 178 37.07 -38.34 -0.36
C ASP A 178 37.27 -38.64 -1.84
N PRO A 179 38.48 -38.49 -2.37
CA PRO A 179 38.67 -38.65 -3.82
C PRO A 179 38.36 -40.06 -4.31
N GLY A 180 38.62 -41.08 -3.49
CA GLY A 180 38.29 -42.44 -3.89
C GLY A 180 36.79 -42.65 -3.95
N LEU A 181 36.07 -42.22 -2.91
CA LEU A 181 34.62 -42.35 -2.91
C LEU A 181 33.99 -41.47 -3.99
N ARG A 182 34.55 -40.27 -4.20
CA ARG A 182 34.01 -39.37 -5.21
C ARG A 182 34.07 -40.00 -6.60
N GLU A 183 35.15 -40.72 -6.89
CA GLU A 183 35.33 -41.29 -8.23
C GLU A 183 34.68 -42.65 -8.38
N LYS A 184 34.61 -43.45 -7.32
CA LYS A 184 33.96 -44.75 -7.41
C LYS A 184 32.45 -44.59 -7.63
N LEU A 185 31.80 -43.77 -6.81
CA LEU A 185 30.37 -43.54 -6.93
C LEU A 185 30.01 -42.47 -7.96
N SER A 186 31.00 -41.82 -8.56
CA SER A 186 30.79 -40.80 -9.59
C SER A 186 29.96 -39.64 -9.04
N LEU A 187 30.44 -39.05 -7.95
CA LEU A 187 29.83 -37.86 -7.39
C LEU A 187 30.32 -36.62 -8.14
N ASN A 188 29.42 -35.65 -8.28
CA ASN A 188 29.76 -34.44 -9.03
C ASN A 188 29.01 -33.25 -8.42
N LEU A 189 29.38 -32.06 -8.89
CA LEU A 189 28.72 -30.82 -8.50
C LEU A 189 28.18 -30.11 -9.73
N ASP A 190 27.08 -29.38 -9.54
CA ASP A 190 26.46 -28.60 -10.62
C ASP A 190 27.09 -27.22 -10.63
N HIS A 191 28.30 -27.15 -11.22
CA HIS A 191 29.12 -25.94 -11.11
C HIS A 191 28.44 -24.74 -11.77
N LYS A 192 27.86 -24.94 -12.94
CA LYS A 192 27.30 -23.84 -13.73
C LYS A 192 25.78 -23.72 -13.59
N SER A 193 25.21 -24.33 -12.55
CA SER A 193 23.79 -24.17 -12.21
C SER A 193 22.88 -24.55 -13.37
N ARG A 194 23.19 -25.68 -14.02
CA ARG A 194 22.30 -26.19 -15.06
C ARG A 194 21.00 -26.72 -14.47
N ILE A 195 21.07 -27.27 -13.26
CA ILE A 195 19.91 -27.86 -12.59
C ILE A 195 19.55 -27.08 -11.33
N PHE A 196 20.50 -26.92 -10.41
CA PHE A 196 20.26 -26.26 -9.14
C PHE A 196 20.83 -24.86 -9.16
N GLN A 197 20.06 -23.90 -8.64
CA GLN A 197 20.47 -22.51 -8.53
C GLN A 197 20.37 -22.09 -7.07
N ASN A 198 21.48 -22.18 -6.34
CA ASN A 198 21.55 -21.60 -5.01
C ASN A 198 21.73 -20.09 -5.13
N LEU A 199 20.92 -19.33 -4.40
CA LEU A 199 20.87 -17.88 -4.55
C LEU A 199 21.97 -17.16 -3.78
N ASN A 200 22.38 -17.67 -2.62
CA ASN A 200 23.37 -16.97 -1.80
C ASN A 200 24.70 -16.90 -2.55
N GLY A 201 25.22 -15.68 -2.69
CA GLY A 201 26.44 -15.45 -3.43
C GLY A 201 26.28 -15.38 -4.93
N ALA A 202 25.04 -15.37 -5.45
CA ALA A 202 24.83 -15.34 -6.89
C ALA A 202 23.60 -14.51 -7.26
N LEU A 203 23.22 -13.53 -6.45
CA LEU A 203 22.00 -12.76 -6.73
C LEU A 203 22.11 -12.01 -8.05
N ASP A 204 23.30 -11.52 -8.38
CA ASP A 204 23.51 -10.77 -9.61
C ASP A 204 23.68 -11.66 -10.82
N GLU A 205 23.53 -12.97 -10.67
CA GLU A 205 23.56 -13.90 -11.79
C GLU A 205 22.18 -14.36 -12.22
N VAL A 206 21.14 -14.06 -11.44
CA VAL A 206 19.81 -14.62 -11.62
C VAL A 206 18.85 -13.51 -12.07
N VAL A 207 18.17 -13.74 -13.19
CA VAL A 207 17.13 -12.86 -13.68
C VAL A 207 15.91 -13.69 -14.05
N LEU A 208 14.76 -13.04 -14.06
CA LEU A 208 13.52 -13.70 -14.47
C LEU A 208 13.46 -13.80 -15.99
N LYS A 209 13.10 -14.98 -16.49
CA LYS A 209 12.83 -15.18 -17.91
C LYS A 209 11.36 -15.48 -18.08
N PHE A 210 10.65 -14.59 -18.76
CA PHE A 210 9.20 -14.69 -18.88
C PHE A 210 8.80 -15.49 -20.11
N ASP A 211 7.60 -16.08 -20.02
CA ASP A 211 6.95 -16.72 -21.15
C ASP A 211 5.48 -16.32 -21.11
N ARG A 212 4.65 -16.91 -21.97
CA ARG A 212 3.25 -16.51 -22.06
C ARG A 212 2.49 -16.88 -20.79
N ASN A 213 2.55 -18.16 -20.39
CA ASN A 213 1.83 -18.64 -19.22
C ASN A 213 2.76 -19.32 -18.22
N ARG A 214 4.00 -18.84 -18.13
CA ARG A 214 5.00 -19.47 -17.28
C ARG A 214 6.20 -18.52 -17.17
N VAL A 215 6.81 -18.49 -16.00
CA VAL A 215 8.03 -17.71 -15.76
C VAL A 215 9.12 -18.65 -15.26
N ARG A 216 10.34 -18.40 -15.70
CA ARG A 216 11.52 -19.12 -15.24
C ARG A 216 12.54 -18.12 -14.69
N ILE A 217 13.70 -18.64 -14.30
CA ILE A 217 14.86 -17.81 -14.02
C ILE A 217 15.98 -18.25 -14.96
N ARG A 218 16.81 -17.30 -15.33
CA ARG A 218 17.98 -17.56 -16.18
C ARG A 218 19.23 -17.10 -15.45
N ASN A 219 20.27 -17.94 -15.49
CA ASN A 219 21.58 -17.57 -14.98
C ASN A 219 22.34 -16.88 -16.09
N VAL A 220 22.57 -15.57 -15.95
CA VAL A 220 23.25 -14.83 -17.00
C VAL A 220 24.75 -15.05 -17.00
N ALA A 221 25.30 -15.59 -15.91
CA ALA A 221 26.73 -15.88 -15.88
C ALA A 221 27.05 -17.07 -16.79
N TYR A 222 26.26 -18.14 -16.68
CA TYR A 222 26.53 -19.38 -17.42
C TYR A 222 25.50 -19.64 -18.51
N ASP A 223 24.54 -18.75 -18.70
CA ASP A 223 23.50 -18.88 -19.72
C ASP A 223 22.78 -20.22 -19.62
N THR A 224 22.17 -20.43 -18.46
CA THR A 224 21.44 -21.66 -18.16
C THR A 224 20.03 -21.32 -17.68
N LEU A 225 19.17 -22.34 -17.69
CA LEU A 225 17.80 -22.24 -17.18
C LEU A 225 17.66 -23.27 -16.06
N PRO A 226 17.92 -22.90 -14.81
CA PRO A 226 17.93 -23.88 -13.73
C PRO A 226 16.55 -24.47 -13.48
N ILE A 227 16.56 -25.70 -12.94
CA ILE A 227 15.32 -26.37 -12.57
C ILE A 227 14.90 -26.02 -11.14
N VAL A 228 15.86 -26.01 -10.22
CA VAL A 228 15.60 -25.81 -8.80
C VAL A 228 16.19 -24.48 -8.37
N VAL A 229 15.36 -23.65 -7.74
CA VAL A 229 15.78 -22.36 -7.19
C VAL A 229 15.79 -22.50 -5.67
N HIS A 230 16.97 -22.34 -5.07
CA HIS A 230 17.15 -22.49 -3.64
C HIS A 230 17.50 -21.14 -3.03
N GLY A 231 16.62 -20.61 -2.19
CA GLY A 231 16.90 -19.38 -1.47
C GLY A 231 17.66 -19.65 -0.20
N ASN A 232 18.85 -20.24 -0.32
CA ASN A 232 19.62 -20.67 0.84
C ASN A 232 20.19 -19.46 1.59
N GLY A 233 20.25 -19.61 2.91
CA GLY A 233 20.84 -18.60 3.76
C GLY A 233 20.06 -17.30 3.78
N PRO A 234 20.76 -16.19 3.58
CA PRO A 234 20.13 -14.88 3.69
C PRO A 234 19.52 -14.38 2.39
N THR A 235 18.96 -15.27 1.58
CA THR A 235 18.32 -14.91 0.32
C THR A 235 16.84 -15.29 0.31
N LYS A 236 16.21 -15.33 1.50
CA LYS A 236 14.82 -15.71 1.58
C LYS A 236 13.91 -14.70 0.88
N LEU A 237 14.16 -13.40 1.12
CA LEU A 237 13.33 -12.37 0.51
C LEU A 237 13.52 -12.32 -1.00
N GLN A 238 14.73 -12.58 -1.49
CA GLN A 238 14.93 -12.66 -2.92
C GLN A 238 14.18 -13.85 -3.52
N LEU A 239 14.09 -14.95 -2.78
CA LEU A 239 13.30 -16.08 -3.26
C LEU A 239 11.80 -15.79 -3.19
N ASN A 240 11.36 -15.07 -2.15
CA ASN A 240 9.98 -14.61 -2.10
C ASN A 240 9.64 -13.81 -3.35
N TYR A 241 10.56 -12.93 -3.76
CA TYR A 241 10.34 -12.13 -4.96
C TYR A 241 10.20 -13.01 -6.20
N LEU A 242 11.15 -13.93 -6.40
CA LEU A 242 11.06 -14.84 -7.54
C LEU A 242 9.80 -15.70 -7.45
N GLY A 243 9.44 -16.15 -6.25
CA GLY A 243 8.27 -16.98 -6.07
C GLY A 243 6.96 -16.33 -6.44
N ASN A 244 6.95 -15.00 -6.57
CA ASN A 244 5.76 -14.30 -7.04
C ASN A 244 5.48 -14.57 -8.51
N TYR A 245 6.48 -15.05 -9.25
CA TYR A 245 6.33 -15.33 -10.68
C TYR A 245 6.58 -16.79 -11.01
N VAL A 246 7.64 -17.37 -10.49
CA VAL A 246 8.07 -18.71 -10.90
C VAL A 246 7.31 -19.75 -10.08
N PRO A 247 6.70 -20.75 -10.71
CA PRO A 247 6.65 -20.91 -12.17
C PRO A 247 5.41 -20.28 -12.80
N ASN A 248 4.31 -20.24 -12.05
CA ASN A 248 3.05 -19.70 -12.56
C ASN A 248 2.42 -18.74 -11.56
N GLY A 249 3.23 -17.99 -10.83
CA GLY A 249 2.71 -16.98 -9.92
C GLY A 249 1.98 -15.88 -10.65
N TRP A 250 2.68 -15.19 -11.55
CA TRP A 250 2.08 -14.15 -12.38
C TRP A 250 2.65 -14.30 -13.79
N THR A 251 1.77 -14.27 -14.78
CA THR A 251 2.16 -14.44 -16.17
C THR A 251 1.53 -13.35 -17.03
N PRO A 252 2.21 -12.96 -18.11
CA PRO A 252 1.69 -11.86 -18.95
C PRO A 252 0.32 -12.13 -19.55
N GLU A 253 -0.07 -13.40 -19.72
CA GLU A 253 -1.35 -13.73 -20.34
C GLU A 253 -2.42 -14.16 -19.33
N GLY A 254 -2.05 -14.95 -18.33
CA GLY A 254 -3.01 -15.43 -17.36
C GLY A 254 -3.12 -14.62 -16.09
N GLY A 255 -2.34 -13.54 -15.96
CA GLY A 255 -2.31 -12.78 -14.73
C GLY A 255 -1.82 -13.63 -13.56
N CYS A 256 -2.13 -13.16 -12.36
CA CYS A 256 -1.80 -13.95 -11.18
C CYS A 256 -2.64 -15.23 -11.16
N GLY A 257 -2.02 -16.33 -10.72
CA GLY A 257 -2.68 -17.61 -10.73
C GLY A 257 -2.95 -18.17 -9.35
N PHE A 258 -2.99 -17.30 -8.34
CA PHE A 258 -3.28 -17.72 -6.97
C PHE A 258 -4.20 -16.73 -6.27
N CYS A 259 -4.87 -15.87 -7.01
CA CYS A 259 -5.74 -14.82 -6.50
C CYS A 259 -7.18 -15.07 -6.92
N ASN A 260 -8.06 -14.18 -6.50
CA ASN A 260 -9.47 -14.19 -6.89
C ASN A 260 -9.68 -13.03 -7.86
N GLN A 261 -9.57 -13.33 -9.16
CA GLN A 261 -9.76 -12.28 -10.16
C GLN A 261 -11.22 -11.85 -10.23
N ASP A 262 -12.14 -12.74 -9.92
CA ASP A 262 -13.56 -12.43 -9.81
C ASP A 262 -14.02 -12.70 -8.38
N ARG A 263 -14.76 -11.75 -7.80
CA ARG A 263 -15.22 -11.88 -6.43
C ARG A 263 -16.30 -12.95 -6.32
N GLN A 270 -25.18 -18.23 6.48
CA GLN A 270 -24.38 -17.26 5.75
C GLN A 270 -23.89 -16.10 6.62
N PRO A 271 -23.10 -16.37 7.66
CA PRO A 271 -22.57 -15.29 8.49
C PRO A 271 -21.09 -15.05 8.22
N PRO A 272 -20.70 -13.80 8.02
CA PRO A 272 -19.28 -13.51 7.80
C PRO A 272 -18.49 -13.62 9.09
N PRO A 273 -17.17 -13.78 9.01
CA PRO A 273 -16.36 -13.90 10.22
C PRO A 273 -16.36 -12.62 11.04
N ARG A 274 -16.27 -12.80 12.36
CA ARG A 274 -16.18 -11.66 13.26
C ARG A 274 -14.80 -11.03 13.16
N VAL A 275 -14.75 -9.69 13.24
CA VAL A 275 -13.55 -8.93 12.94
C VAL A 275 -13.31 -7.89 14.02
N PHE A 276 -12.04 -7.76 14.44
CA PHE A 276 -11.60 -6.74 15.39
CA PHE A 276 -11.62 -6.73 15.38
C PHE A 276 -10.95 -5.63 14.58
N LEU A 277 -11.66 -4.52 14.39
CA LEU A 277 -11.16 -3.39 13.62
C LEU A 277 -10.44 -2.41 14.54
N ALA A 278 -9.14 -2.22 14.30
CA ALA A 278 -8.32 -1.33 15.11
C ALA A 278 -7.91 -0.13 14.26
N VAL A 279 -8.23 1.07 14.74
CA VAL A 279 -7.89 2.33 14.07
C VAL A 279 -6.84 3.03 14.91
N PHE A 280 -5.80 3.54 14.24
CA PHE A 280 -4.67 4.16 14.93
C PHE A 280 -4.48 5.58 14.41
N VAL A 281 -4.48 6.55 15.32
CA VAL A 281 -4.27 7.95 15.02
C VAL A 281 -3.03 8.37 15.79
N GLU A 282 -1.86 8.21 15.18
CA GLU A 282 -0.60 8.44 15.86
C GLU A 282 0.06 9.77 15.50
N GLN A 283 -0.60 10.59 14.68
CA GLN A 283 -0.11 11.92 14.33
C GLN A 283 -1.29 12.75 13.88
N PRO A 284 -1.16 14.08 13.93
CA PRO A 284 -2.22 14.93 13.34
C PRO A 284 -2.43 14.58 11.88
N THR A 285 -3.66 14.19 11.55
CA THR A 285 -4.00 13.63 10.26
C THR A 285 -5.07 14.48 9.60
N PRO A 286 -4.89 14.87 8.34
CA PRO A 286 -5.93 15.64 7.65
C PRO A 286 -7.17 14.79 7.42
N PHE A 287 -8.33 15.45 7.42
CA PHE A 287 -9.61 14.83 7.07
C PHE A 287 -9.95 13.66 7.97
N LEU A 288 -9.58 13.72 9.25
CA LEU A 288 -9.97 12.65 10.16
C LEU A 288 -11.48 12.53 10.33
N PRO A 289 -12.26 13.63 10.44
CA PRO A 289 -13.72 13.46 10.46
C PRO A 289 -14.24 12.69 9.26
N ARG A 290 -13.67 12.94 8.07
CA ARG A 290 -14.09 12.19 6.89
CA ARG A 290 -14.08 12.19 6.89
C ARG A 290 -13.68 10.73 6.98
N PHE A 291 -12.55 10.45 7.64
CA PHE A 291 -12.15 9.07 7.86
C PHE A 291 -13.08 8.37 8.83
N LEU A 292 -13.45 9.05 9.92
CA LEU A 292 -14.35 8.45 10.91
C LEU A 292 -15.73 8.21 10.32
N GLN A 293 -16.24 9.14 9.52
CA GLN A 293 -17.53 8.94 8.86
C GLN A 293 -17.45 7.82 7.84
N ARG A 294 -16.28 7.58 7.26
CA ARG A 294 -16.14 6.52 6.27
C ARG A 294 -16.21 5.14 6.93
N LEU A 295 -15.87 5.05 8.22
CA LEU A 295 -15.97 3.78 8.92
C LEU A 295 -17.40 3.25 8.92
N LEU A 296 -18.37 4.15 9.06
CA LEU A 296 -19.77 3.77 9.04
C LEU A 296 -20.23 3.27 7.68
N LEU A 297 -19.44 3.49 6.63
CA LEU A 297 -19.81 3.11 5.26
C LEU A 297 -19.12 1.86 4.77
N LEU A 298 -18.25 1.25 5.58
CA LEU A 298 -17.56 0.04 5.16
C LEU A 298 -18.55 -1.10 4.99
N ASP A 299 -18.51 -1.76 3.83
CA ASP A 299 -19.50 -2.76 3.46
C ASP A 299 -19.17 -4.09 4.14
N TYR A 300 -19.47 -4.15 5.43
CA TYR A 300 -19.28 -5.35 6.23
C TYR A 300 -20.28 -5.25 7.38
N PRO A 301 -20.96 -6.34 7.73
CA PRO A 301 -22.00 -6.28 8.76
C PRO A 301 -21.43 -5.76 10.08
N PRO A 302 -21.86 -4.57 10.51
CA PRO A 302 -21.26 -3.98 11.72
C PRO A 302 -21.55 -4.75 12.99
N ASP A 303 -22.56 -5.62 13.00
CA ASP A 303 -22.77 -6.49 14.15
C ASP A 303 -21.64 -7.50 14.31
N ARG A 304 -20.84 -7.71 13.28
CA ARG A 304 -19.73 -8.67 13.31
C ARG A 304 -18.38 -7.98 13.43
N VAL A 305 -18.34 -6.71 13.80
CA VAL A 305 -17.11 -5.95 13.87
C VAL A 305 -17.00 -5.30 15.24
N THR A 306 -15.85 -5.47 15.89
CA THR A 306 -15.51 -4.76 17.11
C THR A 306 -14.52 -3.64 16.77
N LEU A 307 -14.80 -2.44 17.26
CA LEU A 307 -13.99 -1.27 16.94
C LEU A 307 -13.07 -0.92 18.10
N PHE A 308 -11.78 -0.80 17.80
CA PHE A 308 -10.78 -0.28 18.72
C PHE A 308 -10.15 0.94 18.08
N LEU A 309 -10.06 2.04 18.82
CA LEU A 309 -9.51 3.28 18.29
C LEU A 309 -8.54 3.87 19.31
N HIS A 310 -7.28 3.97 18.93
CA HIS A 310 -6.27 4.65 19.73
C HIS A 310 -5.97 5.99 19.10
N ASN A 311 -6.28 7.07 19.80
CA ASN A 311 -5.95 8.42 19.39
C ASN A 311 -4.82 8.93 20.29
N ASN A 312 -3.71 9.29 19.68
CA ASN A 312 -2.58 9.85 20.41
C ASN A 312 -2.55 11.37 20.39
N GLU A 313 -3.43 12.01 19.62
CA GLU A 313 -3.39 13.45 19.41
C GLU A 313 -4.56 14.10 20.14
N VAL A 314 -4.25 15.05 21.02
CA VAL A 314 -5.31 15.88 21.61
C VAL A 314 -5.97 16.75 20.56
N PHE A 315 -5.29 17.00 19.43
CA PHE A 315 -5.90 17.75 18.34
C PHE A 315 -7.10 17.03 17.75
N HIS A 316 -7.14 15.70 17.88
CA HIS A 316 -8.20 14.89 17.30
C HIS A 316 -9.27 14.48 18.31
N GLU A 317 -9.10 14.81 19.59
CA GLU A 317 -10.13 14.50 20.58
C GLU A 317 -11.49 15.05 20.22
N PRO A 318 -11.64 16.31 19.78
CA PRO A 318 -12.97 16.76 19.34
C PRO A 318 -13.51 15.98 18.17
N HIS A 319 -12.64 15.55 17.24
CA HIS A 319 -13.09 14.78 16.09
C HIS A 319 -13.62 13.42 16.51
N ILE A 320 -12.88 12.73 17.38
CA ILE A 320 -13.33 11.42 17.87
C ILE A 320 -14.65 11.57 18.62
N ALA A 321 -14.77 12.64 19.43
CA ALA A 321 -15.96 12.82 20.24
C ALA A 321 -17.19 13.10 19.38
N ASP A 322 -17.02 13.85 18.29
CA ASP A 322 -18.15 14.17 17.42
C ASP A 322 -18.78 12.91 16.85
N SER A 323 -17.96 11.93 16.47
CA SER A 323 -18.41 10.74 15.78
C SER A 323 -18.57 9.52 16.68
N TRP A 324 -18.15 9.61 17.94
CA TRP A 324 -18.20 8.43 18.81
C TRP A 324 -19.62 7.93 19.08
N PRO A 325 -20.63 8.79 19.27
CA PRO A 325 -22.01 8.23 19.39
C PRO A 325 -22.42 7.40 18.20
N GLN A 326 -22.17 7.87 16.98
CA GLN A 326 -22.54 7.10 15.79
C GLN A 326 -21.75 5.81 15.71
N LEU A 327 -20.48 5.84 16.10
CA LEU A 327 -19.65 4.64 16.07
C LEU A 327 -20.12 3.62 17.10
N GLN A 328 -20.37 4.06 18.33
CA GLN A 328 -20.87 3.16 19.37
C GLN A 328 -22.22 2.57 18.99
N ASP A 329 -23.05 3.33 18.28
CA ASP A 329 -24.35 2.84 17.84
C ASP A 329 -24.24 1.93 16.63
N HIS A 330 -23.14 2.00 15.87
CA HIS A 330 -22.98 1.26 14.64
C HIS A 330 -22.41 -0.15 14.87
N PHE A 331 -21.29 -0.24 15.58
CA PHE A 331 -20.58 -1.50 15.75
C PHE A 331 -21.05 -2.22 17.00
N SER A 332 -20.76 -3.54 17.05
CA SER A 332 -21.19 -4.36 18.17
C SER A 332 -20.57 -3.87 19.47
N ALA A 333 -19.28 -3.55 19.45
CA ALA A 333 -18.60 -3.01 20.62
C ALA A 333 -17.53 -2.03 20.15
N VAL A 334 -17.27 -1.02 20.98
CA VAL A 334 -16.27 -0.01 20.69
C VAL A 334 -15.40 0.21 21.90
N LYS A 335 -14.16 0.64 21.66
CA LYS A 335 -13.23 0.97 22.73
C LYS A 335 -12.33 2.11 22.27
N LEU A 336 -12.22 3.14 23.09
CA LEU A 336 -11.39 4.31 22.79
C LEU A 336 -10.25 4.39 23.79
N VAL A 337 -9.03 4.51 23.29
CA VAL A 337 -7.84 4.76 24.10
C VAL A 337 -7.31 6.12 23.69
N GLY A 338 -7.42 7.10 24.59
CA GLY A 338 -7.12 8.47 24.25
C GLY A 338 -5.70 8.88 24.57
N PRO A 339 -5.39 10.17 24.35
CA PRO A 339 -4.03 10.64 24.61
C PRO A 339 -3.65 10.63 26.08
N GLU A 340 -4.62 10.71 26.99
CA GLU A 340 -4.33 10.76 28.42
C GLU A 340 -3.77 9.44 28.95
N GLU A 341 -3.67 8.40 28.13
CA GLU A 341 -3.15 7.11 28.55
C GLU A 341 -1.66 6.95 28.31
N ALA A 342 -1.03 7.92 27.62
CA ALA A 342 0.42 7.97 27.41
C ALA A 342 0.95 6.76 26.65
N LEU A 343 0.11 6.10 25.86
CA LEU A 343 0.56 4.95 25.09
C LEU A 343 1.41 5.40 23.92
N SER A 344 2.51 4.68 23.68
CA SER A 344 3.29 4.88 22.47
C SER A 344 2.67 4.09 21.33
N PRO A 345 2.91 4.50 20.09
CA PRO A 345 2.35 3.75 18.95
C PRO A 345 2.66 2.26 18.98
N GLY A 346 3.87 1.88 19.40
CA GLY A 346 4.18 0.46 19.51
C GLY A 346 3.38 -0.23 20.60
N GLU A 347 3.09 0.47 21.70
CA GLU A 347 2.30 -0.12 22.77
C GLU A 347 0.83 -0.21 22.39
N ALA A 348 0.30 0.81 21.71
CA ALA A 348 -1.08 0.78 21.29
C ALA A 348 -1.33 -0.33 20.27
N ARG A 349 -0.40 -0.53 19.34
CA ARG A 349 -0.56 -1.58 18.35
C ARG A 349 -0.39 -2.96 18.96
N ASP A 350 0.47 -3.08 19.99
CA ASP A 350 0.55 -4.32 20.75
C ASP A 350 -0.76 -4.61 21.47
N MET A 351 -1.35 -3.59 22.09
CA MET A 351 -2.57 -3.78 22.86
C MET A 351 -3.73 -4.20 21.97
N ALA A 352 -3.93 -3.47 20.86
CA ALA A 352 -5.04 -3.78 19.97
C ALA A 352 -4.91 -5.19 19.39
N MET A 353 -3.71 -5.55 18.95
CA MET A 353 -3.50 -6.89 18.39
C MET A 353 -3.71 -7.97 19.43
N ASP A 354 -3.24 -7.74 20.66
CA ASP A 354 -3.41 -8.73 21.71
C ASP A 354 -4.84 -8.81 22.21
N LEU A 355 -5.64 -7.76 22.00
CA LEU A 355 -7.06 -7.84 22.33
C LEU A 355 -7.78 -8.83 21.42
N CYS A 356 -7.37 -8.93 20.15
CA CYS A 356 -7.92 -9.94 19.27
C CYS A 356 -7.30 -11.31 19.53
N ARG A 357 -6.01 -11.35 19.85
CA ARG A 357 -5.34 -12.63 20.09
C ARG A 357 -5.96 -13.35 21.29
N GLN A 358 -6.23 -12.63 22.37
CA GLN A 358 -6.78 -13.23 23.57
C GLN A 358 -8.28 -13.43 23.51
N ASP A 359 -8.91 -13.20 22.36
CA ASP A 359 -10.34 -13.44 22.18
C ASP A 359 -10.55 -14.50 21.12
N PRO A 360 -10.95 -15.72 21.48
CA PRO A 360 -11.17 -16.76 20.47
C PRO A 360 -12.30 -16.44 19.50
N GLU A 361 -13.17 -15.49 19.85
CA GLU A 361 -14.22 -15.04 18.93
C GLU A 361 -13.70 -14.07 17.88
N CYS A 362 -12.49 -13.56 18.02
CA CYS A 362 -11.89 -12.73 16.98
C CYS A 362 -11.32 -13.63 15.90
N GLU A 363 -12.02 -13.72 14.76
CA GLU A 363 -11.55 -14.54 13.65
C GLU A 363 -10.58 -13.81 12.75
N PHE A 364 -10.68 -12.48 12.65
CA PHE A 364 -9.79 -11.70 11.80
C PHE A 364 -9.46 -10.38 12.48
N TYR A 365 -8.23 -9.92 12.28
CA TYR A 365 -7.76 -8.64 12.80
C TYR A 365 -7.51 -7.70 11.64
N PHE A 366 -8.11 -6.52 11.69
CA PHE A 366 -8.02 -5.52 10.62
C PHE A 366 -7.46 -4.23 11.21
N SER A 367 -6.19 -3.97 10.93
CA SER A 367 -5.52 -2.75 11.37
C SER A 367 -5.60 -1.71 10.26
N LEU A 368 -5.99 -0.49 10.63
CA LEU A 368 -6.23 0.58 9.67
C LEU A 368 -5.74 1.89 10.27
N ASP A 369 -4.84 2.57 9.57
CA ASP A 369 -4.29 3.83 10.05
C ASP A 369 -5.10 5.01 9.50
N ALA A 370 -4.98 6.15 10.18
CA ALA A 370 -5.80 7.31 9.85
C ALA A 370 -5.48 7.88 8.48
N ASP A 371 -4.23 7.76 8.03
CA ASP A 371 -3.84 8.27 6.73
C ASP A 371 -4.20 7.32 5.59
N ALA A 372 -4.94 6.26 5.87
CA ALA A 372 -5.40 5.32 4.86
C ALA A 372 -6.82 5.68 4.45
N VAL A 373 -7.00 6.08 3.19
CA VAL A 373 -8.30 6.39 2.65
C VAL A 373 -8.76 5.21 1.81
N LEU A 374 -9.73 4.45 2.31
CA LEU A 374 -10.27 3.28 1.61
C LEU A 374 -11.38 3.76 0.68
N THR A 375 -11.09 3.83 -0.61
CA THR A 375 -12.10 4.15 -1.61
C THR A 375 -12.97 2.96 -1.96
N ASN A 376 -12.49 1.74 -1.71
CA ASN A 376 -13.23 0.51 -2.00
C ASN A 376 -13.87 0.03 -0.69
N LEU A 377 -15.17 0.26 -0.56
CA LEU A 377 -15.89 -0.14 0.65
C LEU A 377 -15.97 -1.64 0.82
N GLN A 378 -15.61 -2.43 -0.19
CA GLN A 378 -15.56 -3.88 -0.09
C GLN A 378 -14.16 -4.39 0.22
N THR A 379 -13.28 -3.53 0.75
CA THR A 379 -11.90 -3.91 1.01
C THR A 379 -11.83 -5.08 1.99
N LEU A 380 -12.58 -4.99 3.10
CA LEU A 380 -12.49 -6.02 4.14
C LEU A 380 -12.94 -7.38 3.62
N ARG A 381 -13.99 -7.41 2.81
CA ARG A 381 -14.44 -8.67 2.23
C ARG A 381 -13.40 -9.25 1.28
N ILE A 382 -12.88 -8.40 0.38
CA ILE A 382 -11.91 -8.86 -0.62
C ILE A 382 -10.69 -9.47 0.05
N LEU A 383 -10.19 -8.84 1.11
CA LEU A 383 -8.97 -9.32 1.76
C LEU A 383 -9.25 -10.60 2.56
N ILE A 384 -10.42 -10.69 3.20
CA ILE A 384 -10.77 -11.91 3.92
C ILE A 384 -10.96 -13.05 2.95
N GLU A 385 -11.59 -12.79 1.80
CA GLU A 385 -11.81 -13.84 0.80
C GLU A 385 -10.52 -14.30 0.16
N GLU A 386 -9.45 -13.50 0.21
CA GLU A 386 -8.17 -13.94 -0.32
C GLU A 386 -7.56 -15.06 0.51
N ASN A 387 -7.99 -15.23 1.76
CA ASN A 387 -7.66 -16.40 2.57
C ASN A 387 -6.15 -16.54 2.78
N ARG A 388 -5.54 -15.47 3.27
CA ARG A 388 -4.13 -15.47 3.63
C ARG A 388 -3.99 -15.31 5.14
N LYS A 389 -2.77 -15.55 5.63
CA LYS A 389 -2.49 -15.26 7.03
C LYS A 389 -2.40 -13.76 7.27
N VAL A 390 -1.60 -13.07 6.46
CA VAL A 390 -1.45 -11.63 6.50
C VAL A 390 -1.58 -11.09 5.09
N ILE A 391 -2.46 -10.11 4.88
CA ILE A 391 -2.62 -9.51 3.57
C ILE A 391 -2.96 -8.03 3.76
N ALA A 392 -2.40 -7.21 2.87
CA ALA A 392 -2.57 -5.76 2.90
C ALA A 392 -3.05 -5.27 1.55
N PRO A 393 -3.93 -4.28 1.51
CA PRO A 393 -4.29 -3.67 0.24
C PRO A 393 -3.28 -2.59 -0.14
N MET A 394 -3.02 -2.48 -1.44
CA MET A 394 -2.08 -1.48 -1.91
C MET A 394 -2.72 -0.10 -1.87
N LEU A 395 -2.08 0.84 -1.20
CA LEU A 395 -2.54 2.21 -1.10
C LEU A 395 -1.36 3.12 -1.42
N SER A 396 -1.52 3.94 -2.46
CA SER A 396 -0.46 4.83 -2.91
C SER A 396 -0.81 6.28 -2.66
N ARG A 397 0.21 7.08 -2.38
CA ARG A 397 0.06 8.53 -2.43
C ARG A 397 -0.37 8.93 -3.84
N HIS A 398 -1.36 9.81 -3.92
CA HIS A 398 -2.01 10.09 -5.20
C HIS A 398 -1.01 10.63 -6.22
N GLY A 399 -0.98 9.99 -7.39
CA GLY A 399 -0.11 10.41 -8.47
C GLY A 399 1.37 10.21 -8.22
N LYS A 400 1.76 9.61 -7.11
CA LYS A 400 3.17 9.38 -6.79
C LYS A 400 3.42 7.89 -6.60
N LEU A 401 4.69 7.54 -6.46
CA LEU A 401 5.09 6.14 -6.33
C LEU A 401 5.09 5.64 -4.89
N TRP A 402 5.06 6.53 -3.92
CA TRP A 402 5.07 6.13 -2.52
C TRP A 402 3.78 5.39 -2.16
N SER A 403 3.93 4.27 -1.47
CA SER A 403 2.79 3.43 -1.11
C SER A 403 3.10 2.71 0.20
N ASN A 404 2.15 1.86 0.62
CA ASN A 404 2.17 1.25 1.94
C ASN A 404 2.91 -0.08 1.99
N PHE A 405 3.89 -0.28 1.11
CA PHE A 405 4.65 -1.52 1.13
C PHE A 405 6.03 -1.28 0.51
N TRP A 406 6.96 -2.15 0.88
CA TRP A 406 8.29 -2.18 0.28
C TRP A 406 8.41 -3.42 -0.59
N GLY A 407 9.19 -3.33 -1.65
CA GLY A 407 9.44 -4.48 -2.50
C GLY A 407 10.74 -5.17 -2.18
N ALA A 408 11.64 -4.46 -1.50
CA ALA A 408 12.97 -5.00 -1.22
C ALA A 408 13.53 -4.36 0.04
N LEU A 409 14.57 -4.97 0.57
CA LEU A 409 15.27 -4.47 1.75
C LEU A 409 16.73 -4.22 1.40
N SER A 410 17.29 -3.15 1.99
CA SER A 410 18.73 -2.96 1.96
C SER A 410 19.39 -4.01 2.84
N PRO A 411 20.68 -4.26 2.67
CA PRO A 411 21.35 -5.30 3.47
C PRO A 411 21.16 -5.16 4.97
N ASP A 412 21.04 -3.93 5.49
CA ASP A 412 20.80 -3.70 6.91
C ASP A 412 19.33 -3.46 7.21
N GLU A 413 18.45 -4.14 6.46
CA GLU A 413 17.00 -4.14 6.74
C GLU A 413 16.41 -2.73 6.74
N TYR A 414 16.72 -1.98 5.70
CA TYR A 414 16.14 -0.66 5.49
C TYR A 414 15.47 -0.64 4.11
N TYR A 415 14.92 0.52 3.75
CA TYR A 415 14.15 0.59 2.51
C TYR A 415 15.04 0.36 1.29
N ALA A 416 14.46 -0.34 0.30
CA ALA A 416 15.09 -0.50 -1.00
C ALA A 416 13.98 -0.67 -2.03
N ARG A 417 14.28 -0.28 -3.27
CA ARG A 417 13.33 -0.38 -4.37
C ARG A 417 13.57 -1.69 -5.11
N SER A 418 12.55 -2.54 -5.17
CA SER A 418 12.64 -3.78 -5.91
C SER A 418 12.56 -3.52 -7.42
N GLU A 419 12.90 -4.54 -8.19
CA GLU A 419 12.95 -4.38 -9.64
C GLU A 419 11.58 -4.27 -10.27
N ASP A 420 10.52 -4.69 -9.56
CA ASP A 420 9.16 -4.63 -10.08
C ASP A 420 8.26 -3.72 -9.25
N TYR A 421 8.85 -2.88 -8.41
CA TYR A 421 8.06 -2.00 -7.54
C TYR A 421 7.16 -1.07 -8.35
N VAL A 422 7.74 -0.42 -9.36
CA VAL A 422 6.98 0.57 -10.13
C VAL A 422 5.87 -0.12 -10.93
N GLU A 423 6.14 -1.32 -11.44
CA GLU A 423 5.10 -2.06 -12.16
C GLU A 423 3.91 -2.37 -11.25
N LEU A 424 4.18 -2.65 -9.97
CA LEU A 424 3.11 -2.98 -9.04
C LEU A 424 2.33 -1.74 -8.62
N VAL A 425 3.05 -0.66 -8.30
CA VAL A 425 2.37 0.57 -7.88
C VAL A 425 1.56 1.15 -9.03
N GLN A 426 2.11 1.17 -10.23
CA GLN A 426 1.36 1.61 -11.41
C GLN A 426 0.36 0.56 -11.88
N ARG A 427 0.35 -0.63 -11.27
CA ARG A 427 -0.61 -1.68 -11.57
C ARG A 427 -0.51 -2.15 -13.03
N LYS A 428 0.72 -2.16 -13.55
CA LYS A 428 0.98 -2.87 -14.80
C LYS A 428 0.89 -4.37 -14.58
N ARG A 429 1.32 -4.85 -13.41
CA ARG A 429 1.15 -6.22 -12.98
C ARG A 429 0.30 -6.20 -11.71
N VAL A 430 -0.82 -6.92 -11.72
CA VAL A 430 -1.70 -6.96 -10.56
C VAL A 430 -1.81 -8.40 -10.06
N GLY A 431 -2.02 -8.53 -8.77
CA GLY A 431 -2.13 -9.84 -8.14
C GLY A 431 -1.97 -9.72 -6.64
N VAL A 432 -1.56 -10.83 -6.02
CA VAL A 432 -1.26 -10.88 -4.60
C VAL A 432 0.21 -11.24 -4.47
N TRP A 433 0.98 -10.35 -3.84
CA TRP A 433 2.44 -10.38 -3.92
C TRP A 433 3.05 -10.62 -2.55
N ASN A 434 4.08 -11.46 -2.51
CA ASN A 434 4.86 -11.71 -1.30
C ASN A 434 5.91 -10.61 -1.17
N VAL A 435 5.72 -9.72 -0.20
CA VAL A 435 6.56 -8.54 -0.08
C VAL A 435 7.19 -8.55 1.30
N PRO A 436 8.34 -7.88 1.48
CA PRO A 436 9.01 -7.89 2.79
C PRO A 436 8.42 -6.92 3.80
N TYR A 437 7.59 -5.96 3.38
CA TYR A 437 7.14 -4.92 4.28
C TYR A 437 5.75 -4.43 3.85
N ILE A 438 4.86 -4.26 4.83
CA ILE A 438 3.54 -3.67 4.61
C ILE A 438 3.24 -2.74 5.77
N SER A 439 2.27 -1.86 5.58
CA SER A 439 1.90 -0.90 6.62
C SER A 439 0.55 -0.29 6.31
N GLN A 440 0.06 0.49 7.27
CA GLN A 440 -1.12 1.36 7.16
C GLN A 440 -2.45 0.61 7.10
N ALA A 441 -2.48 -0.57 6.48
CA ALA A 441 -3.72 -1.32 6.38
C ALA A 441 -3.38 -2.78 6.08
N TYR A 442 -3.82 -3.68 6.95
CA TYR A 442 -3.60 -5.10 6.73
C TYR A 442 -4.60 -5.92 7.54
N VAL A 443 -4.89 -7.12 7.05
CA VAL A 443 -5.84 -8.03 7.69
C VAL A 443 -5.09 -9.29 8.09
N ILE A 444 -5.08 -9.60 9.38
CA ILE A 444 -4.33 -10.72 9.93
C ILE A 444 -5.31 -11.75 10.48
N ARG A 445 -5.12 -13.01 10.09
CA ARG A 445 -5.93 -14.10 10.62
C ARG A 445 -5.69 -14.24 12.11
N GLY A 446 -6.78 -14.27 12.89
CA GLY A 446 -6.66 -14.31 14.34
C GLY A 446 -5.96 -15.56 14.85
N ASP A 447 -6.15 -16.69 14.18
CA ASP A 447 -5.49 -17.93 14.60
C ASP A 447 -3.99 -17.86 14.38
N THR A 448 -3.53 -17.07 13.41
CA THR A 448 -2.09 -16.85 13.25
C THR A 448 -1.51 -16.15 14.46
N LEU A 449 -2.23 -15.15 14.99
CA LEU A 449 -1.78 -14.47 16.20
C LEU A 449 -1.76 -15.40 17.40
N ARG A 450 -2.65 -16.39 17.43
CA ARG A 450 -2.74 -17.28 18.58
C ARG A 450 -1.75 -18.44 18.49
N MET A 451 -1.55 -19.01 17.31
CA MET A 451 -0.72 -20.19 17.15
CA MET A 451 -0.71 -20.19 17.17
C MET A 451 0.71 -19.89 16.72
N GLU A 452 0.92 -18.81 15.95
CA GLU A 452 2.24 -18.56 15.38
C GLU A 452 2.94 -17.32 15.91
N LEU A 453 2.21 -16.29 16.33
CA LEU A 453 2.82 -15.09 16.94
C LEU A 453 2.13 -14.80 18.27
N PRO A 454 2.33 -15.65 19.28
CA PRO A 454 1.66 -15.45 20.57
C PRO A 454 2.28 -14.36 21.43
N GLN A 455 3.46 -13.86 21.08
CA GLN A 455 4.11 -12.87 21.91
C GLN A 455 3.35 -11.55 21.90
N ARG A 456 3.46 -10.81 23.02
CA ARG A 456 2.82 -9.52 23.12
C ARG A 456 3.62 -8.43 22.41
N ASP A 457 4.95 -8.48 22.52
CA ASP A 457 5.81 -7.45 21.96
C ASP A 457 6.10 -7.74 20.48
N VAL A 458 5.07 -7.49 19.66
CA VAL A 458 5.24 -7.57 18.21
C VAL A 458 5.81 -6.26 17.69
N PHE A 459 5.20 -5.14 18.06
CA PHE A 459 5.64 -3.82 17.62
C PHE A 459 6.71 -3.22 18.54
N SER A 460 6.71 -3.59 19.82
CA SER A 460 7.63 -3.04 20.80
C SER A 460 8.80 -4.00 21.01
N GLY A 461 9.65 -3.68 21.99
CA GLY A 461 10.76 -4.53 22.37
C GLY A 461 12.13 -4.03 21.92
N SER A 462 12.18 -3.26 20.84
CA SER A 462 13.43 -2.77 20.29
C SER A 462 13.43 -1.24 20.28
N ASP A 463 14.52 -0.67 19.79
CA ASP A 463 14.52 0.72 19.34
C ASP A 463 14.15 0.81 17.87
N THR A 464 13.88 -0.32 17.22
CA THR A 464 13.40 -0.33 15.85
C THR A 464 12.03 0.33 15.77
N ASP A 465 11.72 0.87 14.60
CA ASP A 465 10.41 1.47 14.38
C ASP A 465 9.33 0.40 14.53
N PRO A 466 8.18 0.74 15.14
CA PRO A 466 7.10 -0.26 15.26
C PRO A 466 6.67 -0.89 13.96
N ASP A 467 6.54 -0.11 12.89
CA ASP A 467 6.12 -0.67 11.60
C ASP A 467 7.14 -1.69 11.09
N MET A 468 8.42 -1.43 11.31
CA MET A 468 9.45 -2.37 10.89
C MET A 468 9.53 -3.57 11.82
N ALA A 469 9.37 -3.35 13.13
CA ALA A 469 9.39 -4.46 14.07
C ALA A 469 8.23 -5.43 13.83
N PHE A 470 7.08 -4.90 13.41
CA PHE A 470 5.93 -5.75 13.11
C PHE A 470 6.22 -6.67 11.93
N CYS A 471 6.73 -6.11 10.83
CA CYS A 471 7.03 -6.93 9.66
C CYS A 471 8.13 -7.93 9.95
N LYS A 472 9.16 -7.51 10.70
CA LYS A 472 10.25 -8.43 11.01
C LYS A 472 9.80 -9.55 11.93
N SER A 473 8.84 -9.28 12.81
CA SER A 473 8.32 -10.34 13.68
C SER A 473 7.63 -11.44 12.88
N PHE A 474 6.99 -11.08 11.77
CA PHE A 474 6.33 -12.08 10.95
C PHE A 474 7.31 -12.77 10.01
N ARG A 475 8.31 -12.04 9.50
CA ARG A 475 9.31 -12.65 8.63
C ARG A 475 10.19 -13.63 9.39
N ASP A 476 10.42 -13.39 10.69
CA ASP A 476 11.21 -14.32 11.48
C ASP A 476 10.50 -15.66 11.65
N LYS A 477 9.17 -15.67 11.59
CA LYS A 477 8.38 -16.88 11.75
C LYS A 477 8.03 -17.54 10.42
N GLY A 478 8.56 -17.04 9.31
CA GLY A 478 8.24 -17.59 8.02
C GLY A 478 6.85 -17.27 7.52
N ILE A 479 6.23 -16.22 8.06
CA ILE A 479 4.90 -15.80 7.63
C ILE A 479 5.04 -14.84 6.46
N PHE A 480 4.34 -15.14 5.37
CA PHE A 480 4.36 -14.27 4.20
C PHE A 480 3.56 -13.01 4.47
N LEU A 481 4.09 -11.87 4.03
CA LEU A 481 3.38 -10.60 4.10
C LEU A 481 2.84 -10.32 2.70
N HIS A 482 1.54 -10.55 2.51
CA HIS A 482 0.93 -10.43 1.19
C HIS A 482 0.42 -9.02 0.95
N LEU A 483 0.56 -8.57 -0.29
CA LEU A 483 0.05 -7.28 -0.75
C LEU A 483 -0.78 -7.50 -2.00
N SER A 484 -1.98 -6.94 -2.02
CA SER A 484 -2.91 -7.09 -3.14
C SER A 484 -3.09 -5.75 -3.83
N ASN A 485 -2.68 -5.69 -5.09
CA ASN A 485 -3.09 -4.63 -6.01
C ASN A 485 -4.10 -5.14 -7.03
N GLN A 486 -4.72 -6.29 -6.73
CA GLN A 486 -5.70 -6.88 -7.63
C GLN A 486 -6.87 -5.93 -7.89
N HIS A 487 -7.17 -5.06 -6.94
CA HIS A 487 -8.25 -4.10 -7.06
C HIS A 487 -7.75 -2.70 -6.72
N GLU A 488 -8.55 -1.71 -7.08
CA GLU A 488 -8.36 -0.35 -6.58
CA GLU A 488 -8.36 -0.35 -6.58
C GLU A 488 -8.88 -0.29 -5.16
N PHE A 489 -8.00 -0.06 -4.20
CA PHE A 489 -8.38 -0.05 -2.80
C PHE A 489 -8.46 1.34 -2.18
N GLY A 490 -7.52 2.22 -2.50
CA GLY A 490 -7.55 3.56 -1.93
C GLY A 490 -6.22 4.27 -2.13
N ARG A 491 -5.97 5.24 -1.25
CA ARG A 491 -4.80 6.08 -1.35
C ARG A 491 -4.27 6.38 0.05
N LEU A 492 -3.16 7.11 0.10
CA LEU A 492 -2.52 7.50 1.36
C LEU A 492 -2.52 9.02 1.46
N LEU A 493 -2.93 9.53 2.62
CA LEU A 493 -2.91 10.96 2.86
C LEU A 493 -1.50 11.42 3.20
N ALA A 494 -1.15 12.61 2.72
CA ALA A 494 0.11 13.25 3.11
C ALA A 494 -0.10 13.90 4.47
N THR A 495 0.65 13.42 5.48
CA THR A 495 0.56 13.94 6.83
C THR A 495 1.85 14.60 7.28
N SER A 496 2.83 14.75 6.39
CA SER A 496 4.18 15.10 6.80
C SER A 496 4.22 16.44 7.52
N ARG A 497 3.80 17.51 6.84
CA ARG A 497 3.79 18.85 7.41
C ARG A 497 2.36 19.39 7.40
N TYR A 498 1.52 18.79 8.25
CA TYR A 498 0.14 19.20 8.43
C TYR A 498 0.11 20.34 9.45
N ASP A 499 -0.18 21.56 9.00
CA ASP A 499 -0.21 22.72 9.87
C ASP A 499 -1.54 22.74 10.62
N THR A 500 -1.50 22.49 11.92
CA THR A 500 -2.70 22.48 12.76
C THR A 500 -2.95 23.81 13.45
N GLU A 501 -2.15 24.83 13.16
CA GLU A 501 -2.31 26.16 13.77
C GLU A 501 -3.29 27.01 12.95
N HIS A 502 -4.49 26.46 12.79
CA HIS A 502 -5.58 27.15 12.12
C HIS A 502 -6.89 26.74 12.78
N LEU A 503 -7.92 27.55 12.58
CA LEU A 503 -9.25 27.17 13.06
C LEU A 503 -9.78 25.97 12.31
N HIS A 504 -9.45 25.84 11.03
CA HIS A 504 -9.83 24.69 10.21
C HIS A 504 -8.64 24.32 9.33
N PRO A 505 -7.69 23.55 9.87
CA PRO A 505 -6.46 23.26 9.12
C PRO A 505 -6.69 22.61 7.77
N ASP A 506 -7.77 21.85 7.61
CA ASP A 506 -8.00 21.16 6.34
C ASP A 506 -8.35 22.10 5.20
N LEU A 507 -8.63 23.38 5.49
CA LEU A 507 -8.77 24.36 4.43
C LEU A 507 -7.45 24.55 3.67
N TRP A 508 -6.33 24.43 4.36
CA TRP A 508 -5.01 24.65 3.77
C TRP A 508 -4.43 23.40 3.12
N GLN A 509 -5.24 22.36 2.91
CA GLN A 509 -4.77 21.09 2.38
C GLN A 509 -4.97 20.98 0.87
N ILE A 510 -5.11 22.10 0.16
CA ILE A 510 -5.37 22.03 -1.27
C ILE A 510 -4.15 21.53 -2.03
N PHE A 511 -2.95 21.77 -1.51
CA PHE A 511 -1.73 21.33 -2.17
C PHE A 511 -1.37 19.89 -1.81
N ASP A 512 -1.33 19.58 -0.51
CA ASP A 512 -0.79 18.30 -0.08
C ASP A 512 -1.73 17.14 -0.44
N ASN A 513 -3.03 17.33 -0.27
CA ASN A 513 -4.02 16.29 -0.56
C ASN A 513 -5.11 16.88 -1.45
N PRO A 514 -4.82 17.07 -2.74
CA PRO A 514 -5.80 17.76 -3.61
C PRO A 514 -7.05 16.95 -3.87
N VAL A 515 -6.93 15.64 -4.04
CA VAL A 515 -8.12 14.81 -4.31
C VAL A 515 -9.09 14.87 -3.13
N ASP A 516 -8.56 14.70 -1.92
CA ASP A 516 -9.42 14.75 -0.73
C ASP A 516 -9.92 16.17 -0.48
N TRP A 517 -9.11 17.17 -0.78
CA TRP A 517 -9.54 18.54 -0.62
C TRP A 517 -10.70 18.88 -1.55
N LYS A 518 -10.68 18.34 -2.77
CA LYS A 518 -11.76 18.58 -3.70
C LYS A 518 -13.06 17.96 -3.21
N GLU A 519 -13.01 16.70 -2.78
CA GLU A 519 -14.20 15.99 -2.33
C GLU A 519 -14.83 16.62 -1.09
N GLN A 520 -14.05 17.37 -0.32
CA GLN A 520 -14.57 17.99 0.90
C GLN A 520 -15.04 19.43 0.67
N TYR A 521 -14.34 20.18 -0.19
CA TYR A 521 -14.58 21.61 -0.31
C TYR A 521 -15.10 22.08 -1.66
N ILE A 522 -14.89 21.32 -2.73
CA ILE A 522 -15.45 21.67 -4.03
C ILE A 522 -16.88 21.11 -4.10
N HIS A 523 -17.78 21.92 -4.66
CA HIS A 523 -19.19 21.55 -4.75
C HIS A 523 -19.35 20.19 -5.41
N GLU A 524 -20.31 19.40 -4.91
CA GLU A 524 -20.49 18.04 -5.40
C GLU A 524 -20.91 18.03 -6.86
N ASN A 525 -21.74 18.99 -7.27
CA ASN A 525 -22.22 19.08 -8.64
C ASN A 525 -21.33 19.97 -9.51
N TYR A 526 -20.13 20.33 -9.04
CA TYR A 526 -19.24 21.19 -9.82
C TYR A 526 -18.78 20.48 -11.09
N SER A 527 -18.23 19.27 -10.95
CA SER A 527 -17.67 18.57 -12.10
C SER A 527 -18.72 18.34 -13.17
N ARG A 528 -19.90 17.85 -12.78
CA ARG A 528 -20.96 17.64 -13.76
C ARG A 528 -21.36 18.94 -14.45
N ALA A 529 -21.22 20.07 -13.75
CA ALA A 529 -21.49 21.36 -14.39
C ALA A 529 -20.41 21.70 -15.41
N LEU A 530 -19.16 21.36 -15.12
CA LEU A 530 -18.06 21.66 -16.04
C LEU A 530 -18.16 20.80 -17.31
N GLU A 531 -18.65 19.57 -17.18
CA GLU A 531 -18.77 18.66 -18.31
C GLU A 531 -20.02 18.87 -19.13
N GLY A 532 -20.62 20.07 -19.07
CA GLY A 532 -21.85 20.34 -19.78
C GLY A 532 -23.06 20.10 -18.88
N GLU A 533 -24.01 19.31 -19.37
CA GLU A 533 -25.15 18.78 -18.61
C GLU A 533 -26.13 19.85 -18.14
N GLY A 534 -26.04 21.08 -18.66
CA GLY A 534 -27.02 22.10 -18.36
C GLY A 534 -27.19 22.45 -16.90
N ILE A 535 -26.12 22.45 -16.11
CA ILE A 535 -26.19 22.92 -14.74
C ILE A 535 -25.82 24.41 -14.64
N VAL A 536 -24.83 24.82 -15.42
CA VAL A 536 -24.44 26.23 -15.47
C VAL A 536 -25.59 27.04 -16.06
N GLU A 537 -25.92 28.15 -15.40
CA GLU A 537 -26.97 29.05 -15.86
C GLU A 537 -26.35 30.38 -16.29
N GLN A 538 -27.18 31.19 -16.94
CA GLN A 538 -26.80 32.54 -17.37
C GLN A 538 -27.95 33.47 -17.00
N PRO A 539 -28.05 33.86 -15.73
CA PRO A 539 -29.18 34.70 -15.30
C PRO A 539 -29.22 36.07 -15.97
N CYS A 540 -28.07 36.62 -16.33
CA CYS A 540 -27.99 37.91 -16.99
C CYS A 540 -26.98 37.81 -18.14
N PRO A 541 -27.12 38.67 -19.17
CA PRO A 541 -26.22 38.57 -20.33
C PRO A 541 -24.75 38.54 -19.98
N ASP A 542 -24.08 37.43 -20.34
CA ASP A 542 -22.66 37.23 -20.10
C ASP A 542 -22.32 37.20 -18.62
N VAL A 543 -23.28 36.84 -17.78
CA VAL A 543 -23.06 36.61 -16.35
C VAL A 543 -23.44 35.16 -16.09
N TYR A 544 -22.44 34.31 -15.94
CA TYR A 544 -22.67 32.89 -15.77
C TYR A 544 -22.71 32.51 -14.29
N TRP A 545 -23.35 31.38 -14.01
CA TRP A 545 -23.72 30.99 -12.65
C TRP A 545 -23.53 29.48 -12.53
N PHE A 546 -22.57 29.06 -11.71
CA PHE A 546 -22.23 27.65 -11.61
C PHE A 546 -21.86 27.30 -10.17
N PRO A 547 -22.08 26.06 -9.76
CA PRO A 547 -21.70 25.65 -8.40
C PRO A 547 -20.21 25.45 -8.28
N LEU A 548 -19.64 25.95 -7.18
CA LEU A 548 -18.20 25.93 -7.01
C LEU A 548 -17.77 25.33 -5.68
N LEU A 549 -18.24 25.92 -4.57
CA LEU A 549 -17.81 25.53 -3.24
C LEU A 549 -18.90 24.74 -2.53
N SER A 550 -18.50 23.70 -1.80
CA SER A 550 -19.44 22.98 -0.97
C SER A 550 -19.84 23.82 0.24
N GLU A 551 -20.94 23.43 0.88
CA GLU A 551 -21.41 24.18 2.04
C GLU A 551 -20.39 24.18 3.17
N GLN A 552 -19.60 23.10 3.29
CA GLN A 552 -18.57 23.07 4.33
C GLN A 552 -17.47 24.07 4.05
N MET A 553 -17.08 24.21 2.78
CA MET A 553 -16.07 25.20 2.42
C MET A 553 -16.52 26.60 2.79
N CYS A 554 -17.78 26.93 2.51
CA CYS A 554 -18.29 28.26 2.84
C CYS A 554 -18.34 28.47 4.35
N ASP A 555 -18.82 27.46 5.08
CA ASP A 555 -18.95 27.58 6.54
C ASP A 555 -17.58 27.70 7.20
N GLU A 556 -16.60 26.92 6.74
CA GLU A 556 -15.28 26.98 7.34
C GLU A 556 -14.53 28.25 6.92
N LEU A 557 -14.73 28.70 5.68
CA LEU A 557 -14.05 29.91 5.22
C LEU A 557 -14.56 31.13 5.98
N VAL A 558 -15.88 31.27 6.10
CA VAL A 558 -16.45 32.37 6.89
C VAL A 558 -15.96 32.29 8.33
N ALA A 559 -15.96 31.09 8.91
CA ALA A 559 -15.49 30.93 10.28
C ALA A 559 -14.04 31.37 10.42
N GLU A 560 -13.19 30.99 9.45
CA GLU A 560 -11.79 31.38 9.49
C GLU A 560 -11.64 32.90 9.35
N MET A 561 -12.55 33.55 8.61
CA MET A 561 -12.50 34.99 8.47
C MET A 561 -12.84 35.69 9.78
N GLU A 562 -13.97 35.30 10.41
CA GLU A 562 -14.37 35.93 11.65
C GLU A 562 -13.40 35.62 12.78
N HIS A 563 -12.75 34.46 12.75
CA HIS A 563 -11.74 34.15 13.75
C HIS A 563 -10.56 35.12 13.66
N TYR A 564 -10.24 35.58 12.46
CA TYR A 564 -9.23 36.63 12.31
C TYR A 564 -9.74 37.94 12.89
N GLY A 565 -10.91 38.39 12.44
CA GLY A 565 -11.62 39.50 13.06
C GLY A 565 -11.25 40.88 12.56
N GLN A 566 -10.14 41.03 11.85
CA GLN A 566 -9.65 42.35 11.46
C GLN A 566 -10.31 42.77 10.14
N TRP A 567 -11.58 43.11 10.23
CA TRP A 567 -12.31 43.63 9.08
C TRP A 567 -11.88 45.07 8.80
N SER A 568 -11.90 45.43 7.51
CA SER A 568 -11.52 46.77 7.11
C SER A 568 -12.67 47.74 7.35
N GLY A 569 -12.36 49.04 7.25
CA GLY A 569 -13.35 50.08 7.41
C GLY A 569 -12.97 51.32 6.65
N GLY A 570 -12.88 52.46 7.34
CA GLY A 570 -12.36 53.66 6.74
C GLY A 570 -10.90 53.53 6.39
N ARG A 571 -10.41 54.50 5.61
CA ARG A 571 -9.02 54.55 5.15
C ARG A 571 -8.66 53.37 4.24
N HIS A 572 -9.66 52.64 3.76
CA HIS A 572 -9.44 51.41 3.02
C HIS A 572 -9.75 51.61 1.54
N GLU A 573 -8.94 50.99 0.69
CA GLU A 573 -9.05 51.16 -0.76
C GLU A 573 -9.15 49.82 -1.45
N ASP A 574 -10.08 49.72 -2.40
CA ASP A 574 -10.26 48.56 -3.26
C ASP A 574 -10.01 48.96 -4.71
N SER A 575 -9.83 47.95 -5.55
CA SER A 575 -9.55 48.16 -6.97
C SER A 575 -10.84 48.28 -7.78
N ARG A 576 -11.72 49.17 -7.36
CA ARG A 576 -12.98 49.42 -8.06
C ARG A 576 -12.95 50.80 -8.71
N LEU A 577 -13.78 50.95 -9.74
CA LEU A 577 -13.79 52.15 -10.57
C LEU A 577 -15.20 52.72 -10.63
N ALA A 578 -15.40 53.87 -9.99
CA ALA A 578 -16.64 54.63 -10.11
C ALA A 578 -16.39 55.84 -10.99
N GLY A 579 -17.25 56.86 -10.85
CA GLY A 579 -17.15 58.06 -11.65
C GLY A 579 -15.82 58.77 -11.54
N GLY A 580 -14.98 58.64 -12.58
CA GLY A 580 -13.66 59.23 -12.54
C GLY A 580 -12.85 58.66 -11.40
N TYR A 581 -12.14 59.55 -10.69
CA TYR A 581 -11.48 59.14 -9.46
C TYR A 581 -12.52 59.07 -8.36
N GLU A 582 -12.64 57.91 -7.72
CA GLU A 582 -13.62 57.69 -6.68
C GLU A 582 -13.24 56.44 -5.92
N ASN A 583 -13.47 56.45 -4.61
CA ASN A 583 -13.09 55.35 -3.74
C ASN A 583 -14.33 54.52 -3.44
N VAL A 584 -14.30 53.25 -3.83
CA VAL A 584 -15.41 52.33 -3.58
C VAL A 584 -14.90 51.18 -2.72
N PRO A 585 -14.81 51.34 -1.41
CA PRO A 585 -14.29 50.28 -0.56
C PRO A 585 -15.40 49.38 -0.03
N THR A 586 -14.98 48.23 0.50
CA THR A 586 -15.86 47.29 1.16
C THR A 586 -15.27 46.90 2.51
N VAL A 587 -16.15 46.61 3.46
CA VAL A 587 -15.72 45.98 4.71
C VAL A 587 -15.35 44.54 4.37
N ASP A 588 -14.06 44.21 4.41
CA ASP A 588 -13.61 42.93 3.89
C ASP A 588 -12.32 42.52 4.56
N ILE A 589 -11.94 41.27 4.30
CA ILE A 589 -10.65 40.71 4.68
C ILE A 589 -10.03 40.09 3.43
N HIS A 590 -8.80 40.50 3.11
CA HIS A 590 -8.12 39.95 1.95
C HIS A 590 -7.46 38.63 2.29
N MET A 591 -7.22 37.82 1.25
CA MET A 591 -6.67 36.49 1.46
C MET A 591 -5.27 36.53 2.03
N LYS A 592 -4.45 37.50 1.60
CA LYS A 592 -3.09 37.59 2.11
C LYS A 592 -3.04 38.00 3.57
N GLN A 593 -4.09 38.65 4.08
CA GLN A 593 -4.13 38.99 5.49
C GLN A 593 -4.14 37.74 6.37
N VAL A 594 -4.90 36.73 5.95
CA VAL A 594 -5.06 35.50 6.73
C VAL A 594 -4.12 34.39 6.26
N GLY A 595 -3.26 34.67 5.29
CA GLY A 595 -2.33 33.66 4.81
C GLY A 595 -2.95 32.58 3.95
N TYR A 596 -4.01 32.89 3.21
CA TYR A 596 -4.71 31.92 2.39
C TYR A 596 -4.71 32.28 0.91
N GLU A 597 -3.86 33.23 0.48
CA GLU A 597 -3.88 33.63 -0.92
C GLU A 597 -3.30 32.55 -1.83
N ASP A 598 -2.14 32.00 -1.45
CA ASP A 598 -1.53 30.92 -2.23
C ASP A 598 -2.51 29.76 -2.40
N GLN A 599 -3.32 29.49 -1.38
CA GLN A 599 -4.30 28.42 -1.47
C GLN A 599 -5.45 28.80 -2.40
N TRP A 600 -5.99 30.00 -2.23
CA TRP A 600 -7.11 30.42 -3.06
C TRP A 600 -6.69 30.58 -4.52
N LEU A 601 -5.46 31.03 -4.76
CA LEU A 601 -4.96 31.11 -6.13
C LEU A 601 -4.88 29.73 -6.77
N GLN A 602 -4.62 28.70 -5.97
CA GLN A 602 -4.62 27.34 -6.50
C GLN A 602 -6.02 26.91 -6.90
N LEU A 603 -7.03 27.26 -6.09
CA LEU A 603 -8.41 26.99 -6.46
C LEU A 603 -8.77 27.70 -7.77
N LEU A 604 -8.27 28.92 -7.94
CA LEU A 604 -8.54 29.67 -9.17
C LEU A 604 -7.91 28.98 -10.38
N ARG A 605 -6.64 28.60 -10.25
CA ARG A 605 -5.96 27.91 -11.35
C ARG A 605 -6.63 26.59 -11.68
N THR A 606 -7.02 25.82 -10.66
CA THR A 606 -7.49 24.46 -10.84
C THR A 606 -8.96 24.37 -11.22
N TYR A 607 -9.81 25.23 -10.68
CA TYR A 607 -11.26 25.08 -10.84
C TYR A 607 -11.94 26.24 -11.55
N VAL A 608 -11.54 27.48 -11.29
CA VAL A 608 -12.20 28.62 -11.91
C VAL A 608 -11.67 28.85 -13.33
N GLY A 609 -10.37 28.66 -13.53
CA GLY A 609 -9.76 28.80 -14.83
C GLY A 609 -10.43 27.97 -15.91
N PRO A 610 -10.44 26.65 -15.74
CA PRO A 610 -11.08 25.79 -16.76
C PRO A 610 -12.57 26.07 -16.95
N MET A 611 -13.28 26.49 -15.89
CA MET A 611 -14.69 26.82 -16.06
C MET A 611 -14.86 28.08 -16.90
N THR A 612 -13.99 29.08 -16.69
CA THR A 612 -14.08 30.32 -17.46
C THR A 612 -13.82 30.06 -18.94
N GLU A 613 -12.82 29.25 -19.26
CA GLU A 613 -12.53 28.96 -20.66
C GLU A 613 -13.64 28.17 -21.33
N SER A 614 -14.36 27.33 -20.56
CA SER A 614 -15.47 26.59 -21.12
C SER A 614 -16.65 27.49 -21.45
N LEU A 615 -16.91 28.50 -20.60
CA LEU A 615 -18.06 29.38 -20.77
C LEU A 615 -17.80 30.51 -21.77
N PHE A 616 -16.55 30.96 -21.91
CA PHE A 616 -16.18 32.00 -22.87
C PHE A 616 -15.20 31.40 -23.87
N PRO A 617 -15.71 30.69 -24.88
CA PRO A 617 -14.82 30.06 -25.86
C PRO A 617 -13.94 31.10 -26.56
N GLY A 618 -12.64 30.80 -26.63
CA GLY A 618 -11.65 31.69 -27.17
C GLY A 618 -10.75 32.32 -26.12
N TYR A 619 -11.28 32.55 -24.93
CA TYR A 619 -10.50 33.15 -23.86
C TYR A 619 -9.59 32.11 -23.21
N HIS A 620 -8.37 32.53 -22.91
CA HIS A 620 -7.42 31.70 -22.18
C HIS A 620 -6.89 32.47 -20.98
N THR A 621 -6.73 31.78 -19.86
CA THR A 621 -6.37 32.45 -18.62
C THR A 621 -5.48 31.54 -17.78
N LYS A 622 -4.58 32.17 -17.02
CA LYS A 622 -3.83 31.51 -15.98
C LYS A 622 -4.34 31.87 -14.59
N ALA A 623 -5.47 32.58 -14.52
CA ALA A 623 -6.16 32.89 -13.28
C ALA A 623 -5.32 33.79 -12.37
N ARG A 624 -4.73 34.83 -12.96
CA ARG A 624 -4.07 35.86 -12.18
C ARG A 624 -5.11 36.62 -11.35
N ALA A 625 -4.78 36.90 -10.09
CA ALA A 625 -5.70 37.63 -9.23
C ALA A 625 -4.90 38.27 -8.10
N VAL A 626 -4.78 39.59 -8.12
CA VAL A 626 -4.17 40.31 -7.01
C VAL A 626 -5.19 40.58 -5.93
N MET A 627 -6.44 40.84 -6.30
CA MET A 627 -7.50 41.20 -5.36
C MET A 627 -8.37 39.98 -5.09
N ASN A 628 -8.15 39.36 -3.93
CA ASN A 628 -8.99 38.27 -3.44
C ASN A 628 -9.38 38.60 -2.01
N PHE A 629 -10.67 38.63 -1.73
CA PHE A 629 -11.14 39.08 -0.43
C PHE A 629 -12.56 38.60 -0.18
N VAL A 630 -12.92 38.53 1.10
CA VAL A 630 -14.26 38.16 1.55
C VAL A 630 -14.95 39.43 2.05
N VAL A 631 -16.10 39.75 1.46
CA VAL A 631 -16.87 40.94 1.82
C VAL A 631 -17.94 40.56 2.83
N ARG A 632 -18.12 41.40 3.84
CA ARG A 632 -19.19 41.24 4.82
C ARG A 632 -20.15 42.41 4.70
N TYR A 633 -21.44 42.10 4.55
CA TYR A 633 -22.49 43.11 4.48
C TYR A 633 -23.37 43.00 5.72
N ARG A 634 -23.65 44.14 6.35
CA ARG A 634 -24.48 44.18 7.54
C ARG A 634 -25.27 45.48 7.56
N PRO A 635 -26.50 45.46 8.06
CA PRO A 635 -27.30 46.69 8.07
C PRO A 635 -26.70 47.79 8.93
N ASP A 636 -26.07 47.44 10.05
CA ASP A 636 -25.47 48.42 10.93
C ASP A 636 -24.00 48.69 10.65
N GLU A 637 -23.46 48.14 9.54
CA GLU A 637 -22.07 48.37 9.19
C GLU A 637 -22.06 48.94 7.78
N GLN A 638 -21.73 48.15 6.77
CA GLN A 638 -21.86 48.57 5.38
C GLN A 638 -22.77 47.60 4.65
N PRO A 639 -24.02 47.96 4.40
CA PRO A 639 -24.99 47.00 3.84
C PRO A 639 -25.00 46.88 2.32
N SER A 640 -24.33 47.78 1.59
CA SER A 640 -24.47 47.82 0.15
C SER A 640 -23.13 48.18 -0.49
N LEU A 641 -23.10 48.08 -1.82
CA LEU A 641 -21.94 48.46 -2.62
C LEU A 641 -22.43 49.22 -3.84
N ARG A 642 -22.05 50.49 -3.95
CA ARG A 642 -22.60 51.37 -4.96
C ARG A 642 -22.08 51.01 -6.35
N PRO A 643 -22.75 51.48 -7.41
CA PRO A 643 -22.37 51.10 -8.77
C PRO A 643 -20.91 51.41 -9.05
N HIS A 644 -20.26 50.51 -9.79
CA HIS A 644 -18.82 50.58 -10.04
C HIS A 644 -18.45 49.55 -11.09
N HIS A 645 -17.20 49.63 -11.54
CA HIS A 645 -16.56 48.61 -12.34
C HIS A 645 -15.48 47.92 -11.51
N ASP A 646 -14.94 46.84 -12.06
CA ASP A 646 -13.89 46.07 -11.41
C ASP A 646 -12.60 46.16 -12.21
N SER A 647 -11.48 46.32 -11.50
CA SER A 647 -10.16 46.25 -12.11
C SER A 647 -9.84 44.78 -12.39
N SER A 648 -10.53 44.23 -13.39
CA SER A 648 -10.41 42.82 -13.70
C SER A 648 -10.95 42.57 -15.10
N THR A 649 -10.43 41.52 -15.74
CA THR A 649 -11.03 41.04 -16.97
C THR A 649 -12.35 40.35 -16.70
N PHE A 650 -12.39 39.47 -15.70
CA PHE A 650 -13.63 38.90 -15.22
C PHE A 650 -13.57 38.75 -13.70
N THR A 651 -14.74 38.81 -13.07
CA THR A 651 -14.87 38.80 -11.62
C THR A 651 -15.57 37.54 -11.16
N LEU A 652 -15.08 36.98 -10.05
CA LEU A 652 -15.68 35.81 -9.42
C LEU A 652 -16.39 36.25 -8.15
N ASN A 653 -17.68 35.95 -8.05
CA ASN A 653 -18.51 36.35 -6.92
C ASN A 653 -19.20 35.12 -6.35
N VAL A 654 -18.72 34.62 -5.22
CA VAL A 654 -19.20 33.38 -4.63
C VAL A 654 -20.00 33.72 -3.37
N ALA A 655 -21.24 33.26 -3.31
CA ALA A 655 -22.05 33.43 -2.12
C ALA A 655 -21.65 32.41 -1.06
N LEU A 656 -21.49 32.87 0.18
CA LEU A 656 -20.95 32.04 1.24
C LEU A 656 -21.97 31.65 2.30
N ASN A 657 -23.18 32.18 2.24
CA ASN A 657 -24.22 31.78 3.19
C ASN A 657 -25.59 31.86 2.49
N HIS A 658 -26.63 31.58 3.26
CA HIS A 658 -27.98 31.42 2.74
C HIS A 658 -28.76 32.73 2.85
N LYS A 659 -29.46 33.08 1.78
CA LYS A 659 -30.40 34.19 1.83
C LYS A 659 -31.65 33.77 2.58
N GLY A 660 -32.11 34.62 3.49
CA GLY A 660 -33.24 34.29 4.33
C GLY A 660 -32.80 33.70 5.65
N LEU A 661 -32.04 32.61 5.60
CA LEU A 661 -31.54 31.98 6.82
C LEU A 661 -30.54 32.88 7.53
N ASP A 662 -29.53 33.36 6.81
CA ASP A 662 -28.46 34.16 7.40
C ASP A 662 -28.58 35.65 7.12
N TYR A 663 -29.29 36.05 6.07
CA TYR A 663 -29.43 37.46 5.75
C TYR A 663 -30.66 37.66 4.88
N GLU A 664 -31.15 38.89 4.88
CA GLU A 664 -32.25 39.31 4.01
C GLU A 664 -31.78 40.48 3.16
N GLY A 665 -32.43 40.64 2.01
CA GLY A 665 -32.01 41.65 1.06
C GLY A 665 -30.80 41.20 0.26
N GLY A 666 -29.85 42.10 0.03
CA GLY A 666 -28.65 41.76 -0.71
C GLY A 666 -28.89 41.40 -2.16
N GLY A 667 -27.84 41.02 -2.86
CA GLY A 667 -27.97 40.65 -4.25
C GLY A 667 -27.18 41.55 -5.18
N CYS A 668 -26.87 41.06 -6.38
CA CYS A 668 -26.10 41.80 -7.37
C CYS A 668 -27.03 42.30 -8.46
N ARG A 669 -26.76 43.52 -8.93
CA ARG A 669 -27.59 44.15 -9.95
C ARG A 669 -26.68 44.74 -11.03
N PHE A 670 -26.91 44.32 -12.28
CA PHE A 670 -26.15 44.81 -13.42
C PHE A 670 -26.99 45.88 -14.12
N LEU A 671 -26.51 47.12 -14.06
CA LEU A 671 -27.36 48.27 -14.39
C LEU A 671 -27.67 48.34 -15.89
N ARG A 672 -26.67 48.13 -16.74
CA ARG A 672 -26.88 48.26 -18.18
C ARG A 672 -27.82 47.22 -18.75
N TYR A 673 -28.19 46.20 -17.97
CA TYR A 673 -29.11 45.16 -18.42
C TYR A 673 -30.40 45.14 -17.62
N ASP A 674 -30.55 46.02 -16.62
CA ASP A 674 -31.68 46.03 -15.70
C ASP A 674 -31.96 44.60 -15.22
N CYS A 675 -30.90 43.88 -14.88
CA CYS A 675 -30.97 42.49 -14.50
C CYS A 675 -30.43 42.34 -13.07
N VAL A 676 -31.15 41.58 -12.25
CA VAL A 676 -30.85 41.49 -10.83
C VAL A 676 -30.72 40.02 -10.44
N ILE A 677 -29.60 39.67 -9.82
CA ILE A 677 -29.45 38.37 -9.18
C ILE A 677 -30.13 38.47 -7.82
N SER A 678 -31.45 38.23 -7.80
CA SER A 678 -32.22 38.46 -6.59
C SER A 678 -31.90 37.46 -5.49
N SER A 679 -31.78 36.17 -5.86
CA SER A 679 -31.63 35.09 -4.90
C SER A 679 -30.32 34.34 -5.15
N PRO A 680 -29.22 34.76 -4.54
CA PRO A 680 -27.97 34.00 -4.67
C PRO A 680 -28.07 32.64 -4.00
N ARG A 681 -27.17 31.75 -4.40
CA ARG A 681 -27.13 30.39 -3.88
C ARG A 681 -25.79 30.15 -3.20
N LYS A 682 -25.84 29.55 -2.01
CA LYS A 682 -24.65 29.32 -1.22
C LYS A 682 -23.69 28.37 -1.95
N GLY A 683 -22.43 28.77 -2.06
CA GLY A 683 -21.44 28.00 -2.76
C GLY A 683 -21.43 28.19 -4.26
N TRP A 684 -22.45 28.81 -4.84
CA TRP A 684 -22.48 29.10 -6.26
C TRP A 684 -21.69 30.37 -6.55
N ALA A 685 -21.17 30.46 -7.77
CA ALA A 685 -20.30 31.55 -8.18
C ALA A 685 -20.88 32.28 -9.37
N LEU A 686 -20.73 33.59 -9.38
CA LEU A 686 -21.07 34.43 -10.52
C LEU A 686 -19.80 34.73 -11.32
N LEU A 687 -19.91 34.69 -12.63
CA LEU A 687 -18.78 34.95 -13.53
C LEU A 687 -19.22 36.03 -14.52
N HIS A 688 -18.70 37.24 -14.35
CA HIS A 688 -19.09 38.37 -15.18
C HIS A 688 -17.87 39.21 -15.53
N PRO A 689 -17.88 39.86 -16.68
CA PRO A 689 -16.79 40.78 -17.02
C PRO A 689 -16.72 41.93 -16.02
N GLY A 690 -15.51 42.43 -15.81
CA GLY A 690 -15.30 43.44 -14.79
C GLY A 690 -15.20 44.86 -15.32
N ARG A 691 -15.07 45.02 -16.63
CA ARG A 691 -14.83 46.33 -17.23
C ARG A 691 -15.85 46.61 -18.34
N LEU A 692 -16.19 47.90 -18.47
CA LEU A 692 -16.86 48.48 -19.63
C LEU A 692 -18.36 48.20 -19.69
N THR A 693 -18.75 46.92 -19.69
CA THR A 693 -20.13 46.56 -19.96
CA THR A 693 -20.14 46.55 -19.95
C THR A 693 -20.93 46.20 -18.70
N HIS A 694 -20.29 45.74 -17.64
CA HIS A 694 -21.06 45.27 -16.50
C HIS A 694 -20.92 46.14 -15.26
N TYR A 695 -21.24 47.43 -15.41
CA TYR A 695 -21.46 48.32 -14.28
C TYR A 695 -22.50 47.71 -13.34
N HIS A 696 -22.08 47.38 -12.12
CA HIS A 696 -22.95 46.62 -11.23
C HIS A 696 -22.91 47.20 -9.82
N GLU A 697 -23.79 46.67 -8.97
CA GLU A 697 -24.11 47.28 -7.70
C GLU A 697 -24.47 46.19 -6.70
N GLY A 698 -24.11 46.40 -5.44
CA GLY A 698 -24.48 45.47 -4.38
C GLY A 698 -25.71 45.92 -3.64
N LEU A 699 -26.84 45.24 -3.85
CA LEU A 699 -28.10 45.65 -3.25
C LEU A 699 -28.01 45.57 -1.73
N PRO A 700 -28.72 46.44 -1.02
CA PRO A 700 -28.55 46.53 0.43
C PRO A 700 -28.94 45.25 1.16
N THR A 701 -28.16 44.93 2.19
CA THR A 701 -28.47 43.81 3.09
C THR A 701 -29.31 44.34 4.24
N THR A 702 -30.58 43.95 4.26
CA THR A 702 -31.54 44.57 5.19
C THR A 702 -31.52 43.92 6.57
N TRP A 703 -31.24 42.62 6.66
CA TRP A 703 -31.19 41.92 7.92
C TRP A 703 -30.09 40.88 7.89
N GLY A 704 -29.56 40.57 9.08
CA GLY A 704 -28.56 39.52 9.21
C GLY A 704 -27.18 39.92 8.75
N THR A 705 -26.47 38.98 8.14
CA THR A 705 -25.11 39.21 7.65
C THR A 705 -24.91 38.43 6.37
N ARG A 706 -24.34 39.08 5.36
CA ARG A 706 -24.14 38.50 4.04
C ARG A 706 -22.65 38.43 3.74
N TYR A 707 -22.16 37.23 3.48
CA TYR A 707 -20.75 36.99 3.15
C TYR A 707 -20.62 36.59 1.69
N ILE A 708 -19.61 37.14 1.02
CA ILE A 708 -19.27 36.75 -0.34
C ILE A 708 -17.77 36.71 -0.49
N MET A 709 -17.29 35.81 -1.36
CA MET A 709 -15.88 35.72 -1.72
C MET A 709 -15.70 36.29 -3.12
N VAL A 710 -14.77 37.24 -3.27
CA VAL A 710 -14.61 38.00 -4.50
C VAL A 710 -13.16 37.88 -4.97
N SER A 711 -12.99 37.68 -6.28
CA SER A 711 -11.67 37.67 -6.90
C SER A 711 -11.73 38.44 -8.21
N PHE A 712 -10.84 39.42 -8.36
CA PHE A 712 -10.70 40.18 -9.59
C PHE A 712 -9.64 39.49 -10.44
N VAL A 713 -10.07 38.68 -11.40
CA VAL A 713 -9.16 37.81 -12.13
C VAL A 713 -8.64 38.54 -13.37
N ASP A 714 -7.38 38.27 -13.70
CA ASP A 714 -6.68 38.80 -14.87
C ASP A 714 -6.78 40.33 -14.93
N PRO A 715 -6.15 41.06 -14.01
CA PRO A 715 -6.18 42.52 -14.06
C PRO A 715 -5.18 43.10 -15.05
C1 NAG B . -26.80 18.21 -6.93
C2 NAG B . -27.48 19.04 -5.83
C3 NAG B . -28.70 18.31 -5.27
C4 NAG B . -29.65 17.94 -6.41
C5 NAG B . -28.90 17.08 -7.43
C6 NAG B . -29.74 16.70 -8.61
C7 NAG B . -26.58 20.52 -4.08
C8 NAG B . -25.54 20.69 -3.02
N2 NAG B . -26.55 19.36 -4.76
O3 NAG B . -29.37 19.13 -4.33
O4 NAG B . -30.79 17.24 -5.90
O5 NAG B . -27.78 17.82 -7.93
O6 NAG B . -29.28 17.32 -9.81
O7 NAG B . -27.41 21.39 -4.33
C1 NAG B . -32.10 17.42 -5.53
C2 NAG B . -33.09 16.27 -5.73
C3 NAG B . -34.53 16.78 -5.69
C4 NAG B . -34.77 17.57 -4.41
C5 NAG B . -33.74 18.68 -4.28
C6 NAG B . -33.86 19.45 -2.97
C7 NAG B . -32.18 14.40 -7.04
C8 NAG B . -32.02 13.83 -8.42
N2 NAG B . -32.84 15.56 -6.98
O3 NAG B . -35.43 15.68 -5.77
O4 NAG B . -36.08 18.13 -4.41
O5 NAG B . -32.42 18.13 -4.31
O6 NAG B . -32.59 19.78 -2.44
O7 NAG B . -31.75 13.84 -6.05
C1' UDX C . 20.34 -23.75 6.34
C2' UDX C . 21.75 -23.74 6.91
O2' UDX C . 22.68 -23.87 5.85
C3' UDX C . 21.92 -24.86 7.88
O3' UDX C . 22.83 -24.44 8.95
C4' UDX C . 20.63 -25.26 8.50
O4' UDX C . 20.88 -26.20 9.55
C5' UDX C . 19.71 -25.88 7.46
O5' UDX C . 19.80 -25.13 6.18
PB UDX C . 18.70 -22.74 4.69
O1B UDX C . 18.39 -23.43 3.38
O2B UDX C . 18.54 -21.26 4.55
O3B UDX C . 20.26 -23.09 5.15
O3A UDX C . 17.70 -23.31 5.91
PA UDX C . 16.04 -23.60 5.77
O1A UDX C . 15.67 -23.66 4.30
O2A UDX C . 15.27 -22.49 6.44
O5D UDX C . 15.64 -25.04 6.44
C5D UDX C . 16.15 -26.23 5.82
C4D UDX C . 15.01 -27.15 5.46
O4D UDX C . 14.65 -28.12 6.72
C3D UDX C . 13.93 -26.45 5.23
O3D UDX C . 13.86 -26.02 3.80
C2D UDX C . 12.79 -27.44 5.57
O2D UDX C . 12.59 -28.26 4.53
C1D UDX C . 13.34 -28.23 6.78
N1 UDX C . 12.82 -27.62 8.04
C6 UDX C . 13.51 -26.50 8.66
C2 UDX C . 11.59 -28.17 8.67
O2 UDX C . 11.03 -29.07 8.19
N3 UDX C . 11.06 -27.56 9.94
C4 UDX C . 11.75 -26.43 10.55
O4 UDX C . 11.34 -25.95 11.54
C5 UDX C . 12.99 -25.89 9.91
C1 AKG D . -17.75 43.39 -5.51
O1 AKG D . -17.28 42.42 -4.89
O2 AKG D . -17.02 44.39 -5.75
C2 AKG D . -19.22 43.36 -5.96
O5 AKG D . -19.51 43.47 -7.10
C3 AKG D . -20.32 43.17 -4.92
C4 AKG D . -21.62 42.78 -5.62
C5 AKG D . -22.48 41.98 -4.67
O3 AKG D . -23.06 40.93 -5.07
O4 AKG D . -22.61 42.35 -3.47
FE FE2 E . -17.49 44.49 -8.24
FE FE2 F . -10.66 45.40 0.19
MN MN G . 17.07 -24.32 2.29
C1 NAG H . -0.55 -33.15 -15.40
C2 NAG H . -0.61 -32.37 -16.72
C3 NAG H . -2.06 -32.15 -17.14
C4 NAG H . -2.81 -33.48 -17.20
C5 NAG H . -2.68 -34.21 -15.86
C6 NAG H . -3.30 -35.58 -15.88
C7 NAG H . 1.20 -30.83 -17.31
C8 NAG H . 1.80 -29.47 -17.08
N2 NAG H . 0.09 -31.10 -16.62
O3 NAG H . -2.09 -31.52 -18.41
O4 NAG H . -4.18 -33.25 -17.49
O5 NAG H . -1.30 -34.37 -15.52
O6 NAG H . -3.56 -36.06 -14.57
O7 NAG H . 1.71 -31.65 -18.07
C1 EDO I . -0.56 -23.17 9.95
O1 EDO I . -1.36 -23.03 8.78
C2 EDO I . 0.83 -23.66 9.56
O2 EDO I . 1.40 -24.39 10.64
C1 EDO J . -3.38 -20.93 5.09
O1 EDO J . -3.70 -19.94 4.10
C2 EDO J . -2.21 -21.78 4.62
O2 EDO J . -1.07 -20.94 4.37
C1 EDO K . 14.45 -7.32 -4.89
O1 EDO K . 15.14 -8.55 -4.68
C2 EDO K . 14.79 -6.78 -6.28
O2 EDO K . 14.33 -7.71 -7.27
C1 EDO L . 7.49 -7.74 -5.46
O1 EDO L . 7.55 -9.00 -6.14
C2 EDO L . 8.68 -7.61 -4.52
O2 EDO L . 8.60 -8.63 -3.51
#